data_2A87
#
_entry.id   2A87
#
_cell.length_a   107.4
_cell.length_b   107.4
_cell.length_c   118.2
_cell.angle_alpha   90.00
_cell.angle_beta   90.00
_cell.angle_gamma   90.00
#
_symmetry.space_group_name_H-M   'P 41 21 2'
#
loop_
_entity.id
_entity.type
_entity.pdbx_description
1 polymer 'Thioredoxin reductase'
2 non-polymer 'MAGNESIUM ION'
3 non-polymer 'FLAVIN-ADENINE DINUCLEOTIDE'
4 non-polymer 'NADP NICOTINAMIDE-ADENINE-DINUCLEOTIDE PHOSPHATE'
5 water water
#
_entity_poly.entity_id   1
_entity_poly.type   'polypeptide(L)'
_entity_poly.pdbx_seq_one_letter_code
;MTAPPVHDRAHHPVRDVIVIGSGPAGYTAALYAARAQLAPLVFEGTSFGGALMTTTDVENYPGFRNGITGPELMDEMREQ
ALRFGADLRMEDVESVSLHGPLKSVVTADGQTHRARAVILAMGAAARYLQVPGEQELLGRGVSSCATCDGFFFRDQDIAV
IGGGDSAMEEATFLTRFARSVTLVHRRDEFRASKIMLDRARNNDKIRFLTNHTVVAVDGDTTVTGLRVRDTNTGAETTLP
VTGVFVAIGHEPRSGLVREAIDVDPDGYVLVQGRTTSTSLPGVFAAGDLVDRTYRQAVTAAGSGCAAAIDAERWLAEHAA
TGEADSTDALIGAQR
;
_entity_poly.pdbx_strand_id   A,B
#
loop_
_chem_comp.id
_chem_comp.type
_chem_comp.name
_chem_comp.formula
FAD non-polymer 'FLAVIN-ADENINE DINUCLEOTIDE' 'C27 H33 N9 O15 P2'
MG non-polymer 'MAGNESIUM ION' 'Mg 2'
NAP non-polymer 'NADP NICOTINAMIDE-ADENINE-DINUCLEOTIDE PHOSPHATE' 'C21 H28 N7 O17 P3'
#
# COMPACT_ATOMS: atom_id res chain seq x y z
N ALA A 10 28.84 14.12 23.62
CA ALA A 10 27.77 13.94 22.59
C ALA A 10 26.44 14.45 23.14
N HIS A 11 25.53 14.81 22.23
CA HIS A 11 24.16 15.19 22.60
C HIS A 11 23.25 14.01 22.30
N HIS A 12 22.83 13.28 23.34
CA HIS A 12 21.91 12.16 23.14
C HIS A 12 20.47 12.68 23.05
N PRO A 13 20.08 13.09 21.85
CA PRO A 13 18.71 13.54 21.59
C PRO A 13 17.60 12.52 22.05
N VAL A 14 16.35 12.94 21.95
CA VAL A 14 15.17 12.09 22.22
C VAL A 14 14.66 11.62 20.88
N ARG A 15 14.46 10.32 20.65
CA ARG A 15 14.05 9.88 19.29
C ARG A 15 12.61 10.18 18.98
N ASP A 16 12.35 10.37 17.70
CA ASP A 16 11.03 10.71 17.24
C ASP A 16 10.21 9.46 17.09
N VAL A 17 10.77 8.42 16.49
CA VAL A 17 10.01 7.21 16.21
C VAL A 17 10.74 5.96 16.59
N ILE A 18 10.04 5.04 17.23
CA ILE A 18 10.47 3.67 17.32
C ILE A 18 9.51 2.87 16.48
N VAL A 19 10.03 1.90 15.74
CA VAL A 19 9.21 0.98 14.96
C VAL A 19 9.28 -0.36 15.61
N ILE A 20 8.13 -0.97 15.89
CA ILE A 20 8.10 -2.38 16.32
C ILE A 20 7.71 -3.33 15.16
N GLY A 21 8.68 -4.14 14.73
CA GLY A 21 8.42 -5.13 13.70
C GLY A 21 9.28 -5.02 12.44
N SER A 22 9.72 -6.17 11.94
CA SER A 22 10.24 -6.24 10.58
C SER A 22 9.04 -6.47 9.63
N GLY A 23 9.32 -7.00 8.45
CA GLY A 23 8.26 -7.19 7.48
C GLY A 23 8.00 -5.94 6.67
N PRO A 24 7.30 -6.12 5.55
CA PRO A 24 7.12 -5.03 4.61
C PRO A 24 6.56 -3.77 5.27
N ALA A 25 5.59 -3.93 6.17
CA ALA A 25 5.00 -2.77 6.83
C ALA A 25 6.04 -2.06 7.71
N GLY A 26 6.73 -2.82 8.55
CA GLY A 26 7.80 -2.26 9.38
C GLY A 26 8.90 -1.56 8.61
N TYR A 27 9.46 -2.26 7.62
CA TYR A 27 10.61 -1.70 6.89
C TYR A 27 10.20 -0.52 6.02
N THR A 28 8.99 -0.54 5.46
CA THR A 28 8.58 0.59 4.61
C THR A 28 8.44 1.82 5.49
N ALA A 29 7.79 1.64 6.65
CA ALA A 29 7.71 2.71 7.65
C ALA A 29 9.13 3.19 8.04
N ALA A 30 10.05 2.25 8.23
CA ALA A 30 11.41 2.61 8.59
C ALA A 30 12.06 3.41 7.46
N LEU A 31 11.81 2.95 6.25
CA LEU A 31 12.39 3.58 5.07
C LEU A 31 11.90 5.00 5.00
N TYR A 32 10.59 5.22 5.18
CA TYR A 32 10.04 6.56 5.00
C TYR A 32 10.47 7.44 6.14
N ALA A 33 10.34 6.96 7.37
CA ALA A 33 10.74 7.74 8.54
C ALA A 33 12.20 8.15 8.43
N ALA A 34 13.07 7.19 8.08
CA ALA A 34 14.51 7.49 7.91
C ALA A 34 14.71 8.63 6.91
N ARG A 35 14.15 8.44 5.72
CA ARG A 35 14.27 9.42 4.67
C ARG A 35 13.69 10.80 5.08
N ALA A 36 12.70 10.80 5.98
CA ALA A 36 12.20 12.06 6.56
C ALA A 36 13.04 12.56 7.75
N GLN A 37 14.22 11.96 7.94
CA GLN A 37 15.16 12.33 9.02
C GLN A 37 14.53 12.28 10.40
N LEU A 38 13.72 11.24 10.64
CA LEU A 38 13.17 11.00 11.97
C LEU A 38 14.04 10.02 12.76
N ALA A 39 15.15 9.57 12.17
CA ALA A 39 16.08 8.72 12.88
C ALA A 39 15.35 7.55 13.56
N PRO A 40 14.69 6.72 12.78
CA PRO A 40 13.84 5.69 13.36
C PRO A 40 14.68 4.60 13.97
N LEU A 41 14.30 4.14 15.16
CA LEU A 41 14.87 2.95 15.78
C LEU A 41 13.90 1.81 15.56
N VAL A 42 14.37 0.74 14.94
CA VAL A 42 13.51 -0.35 14.57
C VAL A 42 13.91 -1.63 15.26
N PHE A 43 12.97 -2.21 15.99
CA PHE A 43 13.20 -3.52 16.60
C PHE A 43 12.63 -4.64 15.70
N GLU A 44 13.55 -5.34 15.04
CA GLU A 44 13.25 -6.28 13.98
C GLU A 44 12.69 -7.60 14.50
N GLY A 45 13.06 -7.91 15.73
CA GLY A 45 12.76 -9.20 16.31
C GLY A 45 13.99 -10.04 16.21
N THR A 46 14.14 -10.93 17.17
CA THR A 46 15.21 -11.89 17.17
C THR A 46 15.02 -12.85 15.99
N SER A 47 13.78 -13.00 15.54
CA SER A 47 13.43 -13.85 14.40
C SER A 47 12.78 -12.97 13.32
N PHE A 48 13.59 -12.28 12.55
CA PHE A 48 13.09 -11.15 11.74
C PHE A 48 12.64 -11.59 10.37
N GLY A 49 12.02 -10.64 9.66
CA GLY A 49 11.64 -10.81 8.25
C GLY A 49 10.19 -10.61 7.83
N GLY A 50 9.25 -11.31 8.49
CA GLY A 50 7.82 -11.30 8.13
C GLY A 50 7.32 -12.65 7.62
N ALA A 51 6.13 -12.67 7.02
CA ALA A 51 5.58 -13.91 6.43
C ALA A 51 6.36 -14.35 5.19
N LEU A 52 7.07 -13.41 4.57
CA LEU A 52 7.80 -13.66 3.35
C LEU A 52 9.11 -14.41 3.49
N MET A 53 9.57 -14.67 4.71
CA MET A 53 10.85 -15.37 4.86
C MET A 53 10.77 -16.88 4.55
N THR A 54 9.56 -17.39 4.30
CA THR A 54 9.38 -18.74 3.77
C THR A 54 8.95 -18.75 2.30
N THR A 55 8.37 -17.66 1.81
CA THR A 55 7.88 -17.69 0.44
C THR A 55 9.03 -17.80 -0.58
N THR A 56 9.01 -18.87 -1.35
CA THR A 56 10.07 -19.14 -2.32
C THR A 56 10.02 -18.18 -3.50
N ASP A 57 8.82 -17.90 -4.04
CA ASP A 57 8.68 -17.02 -5.21
C ASP A 57 7.53 -16.07 -5.00
N VAL A 58 7.85 -14.78 -4.90
CA VAL A 58 6.84 -13.75 -4.80
C VAL A 58 6.61 -13.16 -6.18
N GLU A 59 5.42 -13.38 -6.73
CA GLU A 59 5.12 -13.00 -8.11
C GLU A 59 4.15 -11.84 -8.27
N ASN A 60 3.54 -11.40 -7.16
CA ASN A 60 2.55 -10.33 -7.19
C ASN A 60 2.95 -9.14 -6.34
N TYR A 61 4.25 -8.90 -6.20
CA TYR A 61 4.71 -7.66 -5.62
C TYR A 61 5.05 -6.73 -6.79
N PRO A 62 4.27 -5.67 -7.02
CA PRO A 62 4.42 -4.88 -8.23
C PRO A 62 5.79 -4.28 -8.34
N GLY A 63 6.39 -4.40 -9.52
CA GLY A 63 7.74 -3.90 -9.77
C GLY A 63 8.73 -4.97 -10.18
N PHE A 64 8.43 -6.23 -9.87
CA PHE A 64 9.36 -7.30 -10.15
C PHE A 64 8.80 -8.24 -11.21
N ARG A 65 9.02 -7.91 -12.49
CA ARG A 65 8.42 -8.69 -13.60
C ARG A 65 8.76 -10.18 -13.57
N ASN A 66 9.93 -10.52 -13.04
CA ASN A 66 10.34 -11.90 -13.01
C ASN A 66 10.11 -12.54 -11.67
N GLY A 67 9.46 -11.82 -10.76
CA GLY A 67 9.28 -12.29 -9.40
C GLY A 67 10.53 -12.15 -8.57
N ILE A 68 10.39 -12.29 -7.26
CA ILE A 68 11.53 -12.22 -6.34
C ILE A 68 11.36 -13.23 -5.22
N THR A 69 12.46 -13.82 -4.77
CA THR A 69 12.43 -14.67 -3.60
C THR A 69 11.99 -13.86 -2.39
N GLY A 70 11.19 -14.45 -1.53
CA GLY A 70 10.71 -13.73 -0.34
C GLY A 70 11.84 -13.01 0.39
N PRO A 71 12.77 -13.77 0.94
CA PRO A 71 13.91 -13.20 1.64
C PRO A 71 14.71 -12.17 0.85
N GLU A 72 14.86 -12.36 -0.46
CA GLU A 72 15.55 -11.38 -1.28
C GLU A 72 14.81 -10.06 -1.17
N LEU A 73 13.51 -10.10 -1.38
CA LEU A 73 12.67 -8.92 -1.28
C LEU A 73 12.84 -8.23 0.06
N MET A 74 12.77 -9.02 1.12
CA MET A 74 12.97 -8.51 2.48
C MET A 74 14.34 -7.90 2.74
N ASP A 75 15.40 -8.47 2.20
CA ASP A 75 16.73 -7.92 2.43
C ASP A 75 16.86 -6.58 1.75
N GLU A 76 16.20 -6.43 0.61
CA GLU A 76 16.26 -5.19 -0.16
C GLU A 76 15.55 -4.09 0.62
N MET A 77 14.31 -4.35 1.01
CA MET A 77 13.58 -3.43 1.87
C MET A 77 14.46 -3.10 3.08
N ARG A 78 15.01 -4.11 3.73
CA ARG A 78 15.87 -3.89 4.88
C ARG A 78 17.06 -3.01 4.55
N GLU A 79 17.75 -3.34 3.47
CA GLU A 79 18.96 -2.60 3.08
C GLU A 79 18.63 -1.18 2.65
N GLN A 80 17.46 -1.02 2.03
CA GLN A 80 16.90 0.29 1.67
C GLN A 80 16.79 1.11 2.94
N ALA A 81 16.10 0.55 3.92
CA ALA A 81 15.89 1.23 5.19
C ALA A 81 17.22 1.66 5.78
N LEU A 82 18.18 0.74 5.84
CA LEU A 82 19.48 1.06 6.40
C LEU A 82 20.11 2.22 5.66
N ARG A 83 19.95 2.26 4.36
CA ARG A 83 20.66 3.24 3.58
C ARG A 83 20.27 4.67 3.93
N PHE A 84 19.01 4.87 4.31
CA PHE A 84 18.52 6.22 4.66
C PHE A 84 18.64 6.51 6.14
N GLY A 85 19.36 5.68 6.89
CA GLY A 85 19.70 5.96 8.27
C GLY A 85 18.83 5.34 9.34
N ALA A 86 18.14 4.26 9.01
CA ALA A 86 17.38 3.53 10.00
C ALA A 86 18.37 2.82 10.90
N ASP A 87 18.07 2.75 12.20
CA ASP A 87 18.83 1.94 13.15
C ASP A 87 18.03 0.69 13.37
N LEU A 88 18.47 -0.41 12.75
CA LEU A 88 17.77 -1.68 12.86
C LEU A 88 18.42 -2.52 13.95
N ARG A 89 17.61 -3.14 14.79
CA ARG A 89 18.12 -4.01 15.85
C ARG A 89 17.35 -5.30 15.91
N MET A 90 18.08 -6.40 15.82
CA MET A 90 17.48 -7.73 15.80
C MET A 90 17.31 -8.21 17.22
N GLU A 91 16.33 -7.64 17.92
CA GLU A 91 15.98 -8.09 19.26
C GLU A 91 14.50 -7.88 19.51
N ASP A 92 13.99 -8.52 20.55
CA ASP A 92 12.56 -8.54 20.82
C ASP A 92 12.14 -7.53 21.86
N VAL A 93 10.92 -7.02 21.73
CA VAL A 93 10.33 -6.12 22.70
C VAL A 93 9.44 -6.94 23.61
N GLU A 94 9.66 -6.85 24.92
CA GLU A 94 8.84 -7.56 25.89
C GLU A 94 7.70 -6.68 26.38
N SER A 95 7.97 -5.40 26.64
CA SER A 95 6.96 -4.51 27.19
C SER A 95 6.88 -3.28 26.35
N VAL A 96 5.75 -2.58 26.48
CA VAL A 96 5.50 -1.35 25.75
C VAL A 96 4.54 -0.43 26.52
N SER A 97 5.06 0.73 26.93
CA SER A 97 4.25 1.77 27.59
C SER A 97 3.97 2.85 26.57
N LEU A 98 2.70 3.04 26.22
CA LEU A 98 2.34 3.95 25.13
C LEU A 98 1.69 5.26 25.56
N HIS A 99 1.26 5.36 26.81
CA HIS A 99 0.52 6.54 27.26
C HIS A 99 1.46 7.68 27.53
N GLY A 100 1.07 8.85 27.04
CA GLY A 100 1.81 10.11 27.26
C GLY A 100 2.75 10.46 26.14
N PRO A 101 3.41 11.60 26.22
CA PRO A 101 4.49 11.90 25.28
C PRO A 101 5.68 11.13 25.79
N LEU A 102 6.75 11.10 25.05
CA LEU A 102 7.86 10.20 25.41
C LEU A 102 7.38 8.78 25.80
N LYS A 103 7.04 8.00 24.77
CA LYS A 103 6.64 6.62 24.89
C LYS A 103 7.85 5.75 25.16
N SER A 104 7.62 4.50 25.51
CA SER A 104 8.68 3.62 26.00
C SER A 104 8.52 2.21 25.53
N VAL A 105 9.66 1.55 25.31
CA VAL A 105 9.71 0.17 24.86
C VAL A 105 10.84 -0.58 25.57
N VAL A 106 10.58 -1.81 25.97
CA VAL A 106 11.58 -2.57 26.70
C VAL A 106 11.95 -3.85 25.96
N THR A 107 13.25 -4.06 25.72
CA THR A 107 13.74 -5.23 24.97
C THR A 107 13.99 -6.41 25.87
N ALA A 108 14.22 -7.57 25.26
CA ALA A 108 14.39 -8.83 25.99
C ALA A 108 15.55 -8.79 26.97
N ASP A 109 16.50 -7.87 26.78
CA ASP A 109 17.64 -7.72 27.68
C ASP A 109 17.35 -6.81 28.89
N GLY A 110 16.17 -6.20 28.92
CA GLY A 110 15.73 -5.39 30.05
C GLY A 110 16.03 -3.90 29.88
N GLN A 111 16.57 -3.54 28.73
CA GLN A 111 16.95 -2.18 28.45
C GLN A 111 15.75 -1.42 27.90
N THR A 112 15.55 -0.19 28.36
CA THR A 112 14.42 0.63 27.94
C THR A 112 14.82 1.56 26.81
N HIS A 113 13.97 1.68 25.80
CA HIS A 113 14.22 2.56 24.68
C HIS A 113 12.96 3.36 24.41
N ARG A 114 13.11 4.67 24.30
CA ARG A 114 12.00 5.61 24.32
C ARG A 114 11.91 6.46 23.06
N ALA A 115 10.69 6.90 22.75
CA ALA A 115 10.46 7.78 21.61
C ALA A 115 9.14 8.55 21.74
N ARG A 116 9.02 9.60 20.93
CA ARG A 116 7.84 10.43 20.91
C ARG A 116 6.68 9.74 20.21
N ALA A 117 6.95 9.08 19.09
CA ALA A 117 5.91 8.29 18.39
C ALA A 117 6.38 6.85 18.23
N VAL A 118 5.41 5.94 18.10
CA VAL A 118 5.69 4.52 17.96
C VAL A 118 4.88 3.95 16.81
N ILE A 119 5.53 3.13 15.97
CA ILE A 119 4.87 2.51 14.82
C ILE A 119 4.79 1.02 15.07
N LEU A 120 3.58 0.56 15.36
CA LEU A 120 3.29 -0.82 15.59
C LEU A 120 3.12 -1.51 14.26
N ALA A 121 4.01 -2.46 13.99
CA ALA A 121 4.02 -3.18 12.74
C ALA A 121 4.47 -4.63 12.94
N MET A 122 3.92 -5.27 13.98
CA MET A 122 4.33 -6.62 14.38
C MET A 122 3.60 -7.72 13.64
N GLY A 123 2.68 -7.34 12.75
CA GLY A 123 2.09 -8.30 11.82
C GLY A 123 1.19 -9.35 12.44
N ALA A 124 1.07 -10.49 11.78
CA ALA A 124 0.09 -11.51 12.18
C ALA A 124 0.50 -12.88 11.70
N ALA A 125 0.67 -13.80 12.63
CA ALA A 125 1.08 -15.19 12.34
C ALA A 125 -0.07 -16.01 11.83
N ALA A 126 0.13 -16.68 10.69
CA ALA A 126 -0.84 -17.66 10.20
C ALA A 126 -0.89 -18.85 11.16
N ARG A 127 -2.10 -19.34 11.44
CA ARG A 127 -2.25 -20.52 12.30
C ARG A 127 -1.98 -21.79 11.49
N TYR A 128 -1.04 -22.59 12.00
CA TYR A 128 -0.61 -23.81 11.35
C TYR A 128 -1.08 -25.07 12.13
N LEU A 129 -1.05 -26.22 11.46
CA LEU A 129 -1.47 -27.49 12.06
C LEU A 129 -0.42 -28.10 12.99
N GLN A 130 0.85 -27.76 12.77
CA GLN A 130 1.97 -28.29 13.58
C GLN A 130 2.05 -29.82 13.49
N VAL A 131 1.88 -30.34 12.27
CA VAL A 131 1.96 -31.79 12.00
C VAL A 131 3.27 -32.08 11.24
N PRO A 132 4.02 -33.12 11.65
CA PRO A 132 5.43 -33.29 11.26
C PRO A 132 5.86 -32.76 9.89
N GLY A 133 5.22 -33.23 8.83
CA GLY A 133 5.63 -32.86 7.48
C GLY A 133 5.38 -31.42 7.07
N GLU A 134 4.47 -30.75 7.77
CA GLU A 134 3.90 -29.45 7.38
C GLU A 134 4.92 -28.31 7.26
N GLN A 135 5.59 -28.01 8.36
CA GLN A 135 6.51 -26.86 8.39
C GLN A 135 7.67 -27.04 7.40
N GLU A 136 8.04 -28.29 7.17
CA GLU A 136 9.12 -28.64 6.26
C GLU A 136 8.80 -28.23 4.83
N LEU A 137 7.57 -28.52 4.40
CA LEU A 137 7.12 -28.24 3.04
C LEU A 137 6.41 -26.87 2.93
N LEU A 138 6.72 -25.96 3.86
CA LEU A 138 6.10 -24.65 3.88
C LEU A 138 6.55 -23.86 2.65
N GLY A 139 5.64 -23.69 1.70
CA GLY A 139 5.92 -22.93 0.50
C GLY A 139 6.49 -23.78 -0.62
N ARG A 140 6.42 -25.09 -0.43
CA ARG A 140 6.66 -26.02 -1.54
C ARG A 140 5.59 -27.11 -1.58
N GLY A 141 4.34 -26.69 -1.39
CA GLY A 141 3.21 -27.60 -1.34
C GLY A 141 2.18 -27.13 -0.32
N VAL A 142 2.66 -26.70 0.86
CA VAL A 142 1.79 -26.22 1.91
C VAL A 142 1.83 -24.70 1.96
N SER A 143 0.71 -24.07 1.62
CA SER A 143 0.55 -22.63 1.71
C SER A 143 -0.53 -22.28 2.74
N SER A 144 -0.54 -21.02 3.15
CA SER A 144 -1.59 -20.51 4.05
C SER A 144 -2.34 -19.34 3.40
N CYS A 145 -2.16 -19.20 2.09
CA CYS A 145 -2.67 -18.04 1.37
C CYS A 145 -2.95 -18.35 -0.09
N ALA A 146 -4.23 -18.43 -0.43
CA ALA A 146 -4.65 -18.80 -1.79
C ALA A 146 -4.45 -17.68 -2.78
N THR A 147 -4.65 -16.42 -2.37
CA THR A 147 -4.40 -15.27 -3.27
C THR A 147 -2.91 -15.17 -3.62
N CYS A 148 -2.06 -15.76 -2.80
CA CYS A 148 -0.62 -15.76 -3.06
C CYS A 148 -0.19 -16.92 -3.95
N ASP A 149 -0.44 -18.14 -3.49
CA ASP A 149 0.14 -19.34 -4.10
C ASP A 149 -0.81 -20.08 -5.04
N GLY A 150 -2.07 -19.67 -5.11
CA GLY A 150 -3.09 -20.45 -5.82
C GLY A 150 -2.71 -20.76 -7.26
N PHE A 151 -2.21 -19.73 -7.95
CA PHE A 151 -1.67 -19.85 -9.29
C PHE A 151 -0.75 -21.06 -9.44
N PHE A 152 0.12 -21.27 -8.45
CA PHE A 152 1.15 -22.32 -8.53
C PHE A 152 0.58 -23.72 -8.48
N PHE A 153 -0.73 -23.87 -8.36
CA PHE A 153 -1.38 -25.20 -8.29
C PHE A 153 -2.41 -25.50 -9.42
N ARG A 154 -2.22 -24.86 -10.57
CA ARG A 154 -3.00 -25.13 -11.79
C ARG A 154 -3.20 -26.65 -12.03
N ASP A 155 -4.47 -27.02 -12.11
CA ASP A 155 -4.94 -28.38 -12.43
C ASP A 155 -4.48 -29.49 -11.48
N GLN A 156 -4.02 -29.13 -10.29
CA GLN A 156 -3.57 -30.11 -9.31
C GLN A 156 -4.75 -30.49 -8.40
N ASP A 157 -4.60 -31.62 -7.72
CA ASP A 157 -5.53 -32.04 -6.68
C ASP A 157 -5.02 -31.57 -5.34
N ILE A 158 -5.75 -30.65 -4.72
CA ILE A 158 -5.34 -30.00 -3.46
C ILE A 158 -6.39 -30.11 -2.36
N ALA A 159 -5.96 -29.77 -1.15
CA ALA A 159 -6.85 -29.74 0.01
C ALA A 159 -6.81 -28.36 0.68
N VAL A 160 -7.85 -28.08 1.45
CA VAL A 160 -7.99 -26.86 2.22
C VAL A 160 -8.43 -27.27 3.62
N ILE A 161 -7.69 -26.85 4.64
CA ILE A 161 -7.94 -27.33 5.99
C ILE A 161 -8.59 -26.26 6.88
N GLY A 162 -9.83 -26.53 7.28
CA GLY A 162 -10.63 -25.61 8.11
C GLY A 162 -12.12 -25.74 7.85
N GLY A 163 -12.93 -25.32 8.83
CA GLY A 163 -14.39 -25.29 8.68
C GLY A 163 -14.98 -23.90 8.91
N GLY A 164 -14.23 -22.87 8.55
CA GLY A 164 -14.65 -21.48 8.74
C GLY A 164 -14.76 -20.73 7.43
N ASP A 165 -15.21 -19.48 7.51
CA ASP A 165 -15.49 -18.67 6.33
C ASP A 165 -14.25 -18.50 5.46
N SER A 166 -13.10 -18.43 6.11
CA SER A 166 -11.82 -18.41 5.43
C SER A 166 -11.68 -19.69 4.58
N ALA A 167 -11.67 -20.85 5.24
CA ALA A 167 -11.56 -22.15 4.52
C ALA A 167 -12.50 -22.23 3.32
N MET A 168 -13.72 -21.71 3.49
CA MET A 168 -14.70 -21.69 2.43
C MET A 168 -14.25 -20.77 1.29
N GLU A 169 -13.97 -19.52 1.64
CA GLU A 169 -13.54 -18.49 0.69
C GLU A 169 -12.29 -18.95 -0.03
N GLU A 170 -11.33 -19.42 0.75
CA GLU A 170 -10.06 -19.92 0.24
C GLU A 170 -10.33 -20.99 -0.80
N ALA A 171 -10.98 -22.07 -0.35
CA ALA A 171 -11.23 -23.26 -1.16
C ALA A 171 -12.05 -22.96 -2.41
N THR A 172 -13.05 -22.10 -2.27
CA THR A 172 -13.87 -21.67 -3.41
C THR A 172 -13.01 -20.96 -4.45
N PHE A 173 -12.17 -20.04 -3.98
CA PHE A 173 -11.28 -19.29 -4.85
C PHE A 173 -10.34 -20.22 -5.63
N LEU A 174 -9.84 -21.27 -4.97
CA LEU A 174 -8.85 -22.15 -5.57
C LEU A 174 -9.36 -22.96 -6.77
N THR A 175 -10.67 -23.20 -6.78
CA THR A 175 -11.35 -23.90 -7.88
C THR A 175 -11.05 -23.32 -9.28
N ARG A 176 -10.68 -22.05 -9.34
CA ARG A 176 -10.27 -21.46 -10.62
C ARG A 176 -8.89 -21.95 -11.12
N PHE A 177 -8.13 -22.62 -10.25
CA PHE A 177 -6.84 -23.21 -10.63
C PHE A 177 -6.87 -24.71 -10.50
N ALA A 178 -7.26 -25.18 -9.32
CA ALA A 178 -7.27 -26.61 -9.02
C ALA A 178 -8.40 -27.29 -9.73
N ARG A 179 -8.24 -28.59 -10.00
CA ARG A 179 -9.34 -29.38 -10.53
C ARG A 179 -10.09 -30.06 -9.37
N SER A 180 -9.35 -30.41 -8.33
CA SER A 180 -9.94 -30.84 -7.06
C SER A 180 -9.45 -29.94 -5.92
N VAL A 181 -10.42 -29.35 -5.23
CA VAL A 181 -10.20 -28.75 -3.92
C VAL A 181 -10.96 -29.63 -2.92
N THR A 182 -10.23 -30.29 -2.03
CA THR A 182 -10.84 -31.19 -1.05
C THR A 182 -10.78 -30.60 0.36
N LEU A 183 -11.93 -30.10 0.79
CA LEU A 183 -12.08 -29.36 2.05
C LEU A 183 -12.17 -30.32 3.22
N VAL A 184 -11.08 -30.42 3.99
CA VAL A 184 -10.99 -31.33 5.13
C VAL A 184 -11.30 -30.58 6.41
N HIS A 185 -12.06 -31.19 7.33
CA HIS A 185 -12.46 -30.54 8.59
C HIS A 185 -12.68 -31.51 9.77
N ARG A 186 -12.17 -31.09 10.93
CA ARG A 186 -12.17 -31.92 12.14
C ARG A 186 -13.53 -32.40 12.62
N ARG A 187 -14.59 -31.61 12.41
CA ARG A 187 -15.90 -31.98 12.99
C ARG A 187 -17.04 -32.12 11.97
N ASP A 188 -18.21 -32.52 12.47
CA ASP A 188 -19.41 -32.73 11.64
C ASP A 188 -19.97 -31.42 11.08
N GLU A 189 -20.46 -30.54 11.94
CA GLU A 189 -20.89 -29.23 11.50
C GLU A 189 -19.71 -28.41 11.00
N PHE A 190 -19.97 -27.17 10.64
CA PHE A 190 -18.94 -26.21 10.23
C PHE A 190 -19.13 -24.90 10.97
N ARG A 191 -18.05 -24.38 11.55
CA ARG A 191 -18.11 -23.09 12.24
C ARG A 191 -18.21 -21.90 11.26
N ALA A 192 -18.38 -22.23 9.97
CA ALA A 192 -18.53 -21.23 8.91
C ALA A 192 -19.98 -20.88 8.64
N SER A 193 -20.15 -19.80 7.89
CA SER A 193 -21.46 -19.24 7.53
C SER A 193 -22.28 -20.19 6.66
N LYS A 194 -23.59 -20.13 6.78
CA LYS A 194 -24.50 -20.98 5.99
C LYS A 194 -24.73 -20.47 4.55
N ILE A 195 -24.04 -19.39 4.18
CA ILE A 195 -24.01 -18.91 2.80
C ILE A 195 -22.68 -19.30 2.14
N MET A 196 -21.58 -19.12 2.89
CA MET A 196 -20.27 -19.58 2.44
C MET A 196 -20.25 -21.10 2.26
N LEU A 197 -20.77 -21.84 3.24
CA LEU A 197 -20.98 -23.29 3.10
C LEU A 197 -21.81 -23.59 1.89
N ASP A 198 -22.95 -22.91 1.80
CA ASP A 198 -23.89 -23.05 0.68
C ASP A 198 -23.22 -22.85 -0.67
N ARG A 199 -22.37 -21.82 -0.78
CA ARG A 199 -21.58 -21.57 -1.99
C ARG A 199 -20.53 -22.65 -2.21
N ALA A 200 -19.93 -23.12 -1.12
CA ALA A 200 -18.93 -24.20 -1.16
C ALA A 200 -19.54 -25.51 -1.68
N ARG A 201 -20.75 -25.80 -1.22
CA ARG A 201 -21.45 -27.03 -1.61
C ARG A 201 -21.89 -27.03 -3.07
N ASN A 202 -22.20 -25.84 -3.60
CA ASN A 202 -22.58 -25.69 -5.02
C ASN A 202 -21.43 -25.87 -6.02
N ASN A 203 -20.19 -25.68 -5.57
CA ASN A 203 -19.04 -25.74 -6.46
C ASN A 203 -18.70 -27.18 -6.80
N ASP A 204 -18.69 -27.52 -8.10
CA ASP A 204 -18.50 -28.91 -8.52
C ASP A 204 -17.09 -29.46 -8.22
N LYS A 205 -16.11 -28.57 -8.08
CA LYS A 205 -14.74 -28.99 -7.76
C LYS A 205 -14.48 -29.08 -6.24
N ILE A 206 -15.48 -28.75 -5.42
CA ILE A 206 -15.34 -28.78 -3.95
C ILE A 206 -15.84 -30.10 -3.35
N ARG A 207 -14.94 -30.86 -2.73
CA ARG A 207 -15.28 -32.11 -2.04
C ARG A 207 -15.02 -31.96 -0.54
N PHE A 208 -16.00 -32.38 0.27
CA PHE A 208 -15.92 -32.25 1.72
C PHE A 208 -15.38 -33.52 2.37
N LEU A 209 -14.64 -33.35 3.47
CA LEU A 209 -14.21 -34.49 4.30
C LEU A 209 -14.45 -34.16 5.77
N THR A 210 -15.66 -34.48 6.22
CA THR A 210 -16.11 -34.13 7.57
C THR A 210 -15.61 -35.11 8.61
N ASN A 211 -15.44 -34.62 9.84
CA ASN A 211 -14.99 -35.42 11.00
C ASN A 211 -13.67 -36.15 10.79
N HIS A 212 -12.69 -35.43 10.23
CA HIS A 212 -11.37 -36.00 9.94
C HIS A 212 -10.26 -35.01 10.25
N THR A 213 -9.36 -35.40 11.12
CA THR A 213 -8.23 -34.55 11.48
C THR A 213 -7.01 -34.98 10.67
N VAL A 214 -6.14 -34.01 10.33
CA VAL A 214 -4.91 -34.32 9.58
C VAL A 214 -3.86 -34.91 10.53
N VAL A 215 -3.05 -35.84 10.01
CA VAL A 215 -2.05 -36.60 10.79
C VAL A 215 -0.58 -36.41 10.33
N ALA A 216 -0.38 -35.89 9.12
CA ALA A 216 0.97 -35.65 8.54
C ALA A 216 0.84 -35.14 7.10
N VAL A 217 1.97 -34.80 6.49
CA VAL A 217 1.99 -34.31 5.10
C VAL A 217 3.18 -34.92 4.36
N ASP A 218 2.89 -35.90 3.52
CA ASP A 218 3.94 -36.68 2.87
C ASP A 218 4.60 -35.92 1.72
N GLY A 219 5.89 -36.21 1.52
CA GLY A 219 6.66 -35.65 0.41
C GLY A 219 7.97 -35.04 0.89
N ASP A 220 8.97 -35.06 0.00
CA ASP A 220 10.30 -34.50 0.31
C ASP A 220 10.54 -33.16 -0.38
N THR A 221 10.39 -33.14 -1.71
CA THR A 221 10.52 -31.92 -2.52
C THR A 221 9.17 -31.21 -2.71
N THR A 222 8.09 -31.97 -2.55
CA THR A 222 6.74 -31.52 -2.88
C THR A 222 5.70 -32.30 -2.08
N VAL A 223 4.56 -31.67 -1.83
CA VAL A 223 3.46 -32.40 -1.22
C VAL A 223 3.09 -33.57 -2.11
N THR A 224 3.10 -34.77 -1.54
CA THR A 224 2.80 -36.01 -2.26
C THR A 224 1.44 -36.58 -1.87
N GLY A 225 1.10 -36.42 -0.60
CA GLY A 225 -0.18 -36.88 -0.07
C GLY A 225 -0.49 -36.10 1.19
N LEU A 226 -1.71 -36.23 1.68
CA LEU A 226 -2.11 -35.66 2.96
C LEU A 226 -2.63 -36.78 3.84
N ARG A 227 -1.86 -37.13 4.87
CA ARG A 227 -2.27 -38.20 5.79
C ARG A 227 -3.38 -37.75 6.76
N VAL A 228 -4.59 -38.26 6.49
CA VAL A 228 -5.77 -38.04 7.33
C VAL A 228 -5.74 -39.07 8.45
N ARG A 229 -6.43 -38.83 9.57
CA ARG A 229 -6.65 -39.93 10.54
C ARG A 229 -8.12 -39.99 11.01
N ASP A 230 -8.37 -39.79 12.31
CA ASP A 230 -9.64 -40.16 12.93
C ASP A 230 -10.86 -39.91 12.02
N THR A 231 -11.58 -40.99 11.72
CA THR A 231 -12.85 -40.93 11.00
C THR A 231 -13.95 -41.03 12.04
N ASN A 232 -14.10 -39.98 12.85
CA ASN A 232 -15.03 -39.98 13.98
C ASN A 232 -14.73 -41.13 14.95
N THR A 233 -15.00 -42.37 14.51
CA THR A 233 -14.67 -43.59 15.27
C THR A 233 -13.44 -44.33 14.71
N GLY A 234 -13.31 -44.37 13.39
CA GLY A 234 -12.22 -45.11 12.74
C GLY A 234 -10.86 -44.42 12.87
N ALA A 235 -9.96 -44.71 11.93
CA ALA A 235 -8.63 -44.08 11.93
C ALA A 235 -7.82 -44.41 10.68
N GLU A 236 -7.00 -43.46 10.24
CA GLU A 236 -5.97 -43.65 9.18
C GLU A 236 -6.51 -43.64 7.73
N THR A 237 -5.74 -43.05 6.82
CA THR A 237 -6.12 -42.88 5.39
C THR A 237 -5.12 -41.91 4.72
N THR A 238 -5.11 -41.86 3.39
CA THR A 238 -4.23 -40.91 2.67
C THR A 238 -4.90 -40.28 1.45
N LEU A 239 -5.17 -38.98 1.55
CA LEU A 239 -5.66 -38.22 0.40
C LEU A 239 -4.49 -37.90 -0.52
N PRO A 240 -4.45 -38.48 -1.72
CA PRO A 240 -3.35 -38.24 -2.64
C PRO A 240 -3.40 -36.84 -3.25
N VAL A 241 -2.98 -35.85 -2.46
CA VAL A 241 -2.97 -34.47 -2.93
C VAL A 241 -1.54 -33.99 -3.09
N THR A 242 -1.39 -32.99 -3.96
CA THR A 242 -0.08 -32.43 -4.28
C THR A 242 0.04 -30.97 -3.80
N GLY A 243 -0.82 -30.59 -2.84
CA GLY A 243 -0.80 -29.25 -2.27
C GLY A 243 -1.83 -29.05 -1.16
N VAL A 244 -1.38 -28.52 -0.01
CA VAL A 244 -2.28 -28.33 1.14
C VAL A 244 -2.32 -26.90 1.67
N PHE A 245 -3.45 -26.25 1.45
CA PHE A 245 -3.70 -24.92 1.93
C PHE A 245 -4.38 -24.94 3.30
N VAL A 246 -3.69 -24.41 4.31
CA VAL A 246 -4.24 -24.31 5.66
C VAL A 246 -5.03 -23.02 5.77
N ALA A 247 -6.21 -23.10 6.40
CA ALA A 247 -7.13 -21.97 6.51
C ALA A 247 -7.69 -21.87 7.92
N ILE A 248 -6.81 -22.04 8.90
CA ILE A 248 -7.16 -22.07 10.32
C ILE A 248 -7.36 -20.65 10.90
N GLY A 249 -6.97 -19.63 10.14
CA GLY A 249 -7.09 -18.25 10.59
C GLY A 249 -5.71 -17.67 10.83
N HIS A 250 -5.66 -16.49 11.41
CA HIS A 250 -4.40 -15.84 11.73
C HIS A 250 -4.43 -15.33 13.14
N GLU A 251 -3.25 -15.18 13.73
CA GLU A 251 -3.10 -14.69 15.09
C GLU A 251 -2.25 -13.39 15.09
N PRO A 252 -2.89 -12.22 15.10
CA PRO A 252 -2.17 -10.94 15.05
C PRO A 252 -1.42 -10.67 16.32
N ARG A 253 -0.24 -10.10 16.21
CA ARG A 253 0.65 -10.00 17.36
C ARG A 253 0.43 -8.72 18.16
N SER A 254 -0.70 -8.68 18.85
CA SER A 254 -1.13 -7.49 19.55
C SER A 254 -0.94 -7.60 21.06
N GLY A 255 -0.33 -8.69 21.51
CA GLY A 255 -0.18 -8.99 22.93
C GLY A 255 0.51 -7.91 23.73
N LEU A 256 1.49 -7.24 23.12
CA LEU A 256 2.17 -6.14 23.78
C LEU A 256 1.22 -4.99 24.02
N VAL A 257 0.25 -4.81 23.12
CA VAL A 257 -0.49 -3.59 22.99
C VAL A 257 -1.98 -3.71 23.32
N ARG A 258 -2.42 -4.91 23.61
CA ARG A 258 -3.86 -5.24 23.58
C ARG A 258 -4.64 -4.77 24.80
N GLU A 259 -5.05 -3.53 24.84
CA GLU A 259 -5.74 -3.03 26.03
C GLU A 259 -5.04 -1.85 26.64
N ALA A 260 -3.97 -1.40 25.98
CA ALA A 260 -3.65 0.00 25.98
C ALA A 260 -4.43 0.58 24.81
N ILE A 261 -4.55 -0.22 23.75
CA ILE A 261 -5.09 0.23 22.48
C ILE A 261 -6.29 -0.60 22.12
N ASP A 262 -7.18 -0.01 21.33
CA ASP A 262 -8.38 -0.70 20.89
C ASP A 262 -8.03 -1.74 19.83
N VAL A 263 -8.59 -2.92 20.02
CA VAL A 263 -8.37 -4.06 19.16
C VAL A 263 -9.75 -4.66 18.92
N ASP A 264 -9.95 -5.39 17.82
CA ASP A 264 -11.22 -6.12 17.63
C ASP A 264 -11.16 -7.39 18.48
N PRO A 265 -12.24 -8.16 18.55
CA PRO A 265 -12.26 -9.36 19.40
C PRO A 265 -11.14 -10.39 19.09
N ASP A 266 -10.83 -10.56 17.81
CA ASP A 266 -9.78 -11.48 17.39
C ASP A 266 -8.35 -10.97 17.65
N GLY A 267 -8.24 -9.71 18.08
CA GLY A 267 -6.98 -9.16 18.54
C GLY A 267 -6.32 -8.21 17.56
N TYR A 268 -7.00 -7.86 16.48
CA TYR A 268 -6.41 -6.93 15.50
C TYR A 268 -6.59 -5.53 15.98
N VAL A 269 -5.53 -4.74 15.84
CA VAL A 269 -5.57 -3.34 16.22
C VAL A 269 -6.53 -2.58 15.33
N LEU A 270 -7.44 -1.84 15.94
CA LEU A 270 -8.28 -0.93 15.19
C LEU A 270 -7.52 0.37 14.97
N VAL A 271 -7.68 0.95 13.78
CA VAL A 271 -7.11 2.25 13.47
C VAL A 271 -8.21 3.23 13.08
N GLN A 272 -7.96 4.52 13.35
CA GLN A 272 -8.98 5.58 13.22
C GLN A 272 -9.29 5.93 11.77
N GLY A 273 -10.55 5.78 11.40
CA GLY A 273 -11.00 6.15 10.08
C GLY A 273 -10.20 5.45 9.02
N ARG A 274 -9.75 6.19 8.03
CA ARG A 274 -9.00 5.63 6.92
C ARG A 274 -7.48 5.86 7.05
N THR A 275 -7.01 5.93 8.30
CA THR A 275 -5.64 6.34 8.64
C THR A 275 -4.94 5.22 9.38
N THR A 276 -3.73 5.49 9.87
CA THR A 276 -2.99 4.51 10.66
C THR A 276 -2.99 4.80 12.16
N SER A 277 -3.66 5.84 12.59
CA SER A 277 -3.62 6.22 14.01
C SER A 277 -4.46 5.28 14.86
N THR A 278 -3.85 4.70 15.88
CA THR A 278 -4.57 3.83 16.82
C THR A 278 -5.49 4.69 17.70
N SER A 279 -5.85 4.21 18.88
CA SER A 279 -6.70 4.98 19.80
C SER A 279 -5.87 5.74 20.85
N LEU A 280 -4.56 5.82 20.63
CA LEU A 280 -3.67 6.57 21.50
C LEU A 280 -2.82 7.53 20.67
N PRO A 281 -2.81 8.79 21.09
CA PRO A 281 -2.11 9.80 20.35
C PRO A 281 -0.65 9.43 20.25
N GLY A 282 -0.10 9.58 19.06
CA GLY A 282 1.31 9.28 18.81
C GLY A 282 1.66 7.81 18.59
N VAL A 283 0.65 6.93 18.63
CA VAL A 283 0.86 5.50 18.39
C VAL A 283 0.13 5.08 17.11
N PHE A 284 0.84 4.41 16.20
CA PHE A 284 0.31 4.09 14.85
C PHE A 284 0.48 2.63 14.51
N ALA A 285 -0.43 2.11 13.68
CA ALA A 285 -0.46 0.67 13.39
C ALA A 285 -0.49 0.38 11.88
N ALA A 286 0.48 -0.41 11.41
CA ALA A 286 0.55 -0.83 9.98
C ALA A 286 0.60 -2.34 9.79
N GLY A 287 0.46 -2.73 8.54
CA GLY A 287 0.58 -4.12 8.15
C GLY A 287 -0.54 -5.00 8.66
N ASP A 288 -0.24 -6.30 8.72
CA ASP A 288 -1.24 -7.30 9.02
C ASP A 288 -1.66 -7.32 10.48
N LEU A 289 -0.94 -6.60 11.35
CA LEU A 289 -1.42 -6.38 12.71
C LEU A 289 -2.81 -5.71 12.68
N VAL A 290 -3.09 -4.97 11.62
CA VAL A 290 -4.37 -4.29 11.49
C VAL A 290 -5.20 -4.96 10.41
N ASP A 291 -4.57 -5.22 9.27
CA ASP A 291 -5.25 -5.75 8.09
C ASP A 291 -5.64 -7.20 8.24
N ARG A 292 -6.94 -7.47 8.18
CA ARG A 292 -7.41 -8.84 8.20
C ARG A 292 -8.17 -9.24 6.92
N THR A 293 -8.01 -8.45 5.87
CA THR A 293 -8.79 -8.65 4.64
C THR A 293 -7.93 -9.01 3.43
N TYR A 294 -6.87 -8.24 3.21
CA TYR A 294 -5.91 -8.59 2.16
C TYR A 294 -4.54 -8.71 2.79
N ARG A 295 -3.98 -9.90 2.89
CA ARG A 295 -2.69 -9.98 3.55
C ARG A 295 -1.59 -10.04 2.55
N GLN A 296 -1.38 -8.96 1.81
CA GLN A 296 -0.30 -8.89 0.84
C GLN A 296 0.81 -7.96 1.34
N ALA A 297 1.95 -8.05 0.69
CA ALA A 297 3.13 -7.33 1.08
C ALA A 297 2.98 -5.92 0.56
N VAL A 298 2.39 -5.78 -0.61
CA VAL A 298 2.18 -4.46 -1.19
C VAL A 298 1.24 -3.68 -0.27
N THR A 299 0.23 -4.37 0.27
CA THR A 299 -0.69 -3.70 1.19
C THR A 299 0.01 -3.41 2.50
N ALA A 300 0.87 -4.33 2.94
CA ALA A 300 1.63 -4.10 4.16
C ALA A 300 2.58 -2.94 3.96
N ALA A 301 3.26 -2.94 2.81
CA ALA A 301 4.25 -1.91 2.54
C ALA A 301 3.56 -0.56 2.46
N GLY A 302 2.37 -0.54 1.88
CA GLY A 302 1.60 0.69 1.76
C GLY A 302 1.30 1.27 3.13
N SER A 303 0.74 0.43 4.00
CA SER A 303 0.30 0.88 5.32
C SER A 303 1.48 1.31 6.13
N GLY A 304 2.55 0.54 6.06
CA GLY A 304 3.82 0.93 6.65
C GLY A 304 4.18 2.34 6.25
N CYS A 305 4.15 2.62 4.95
CA CYS A 305 4.45 3.97 4.48
C CYS A 305 3.49 4.99 5.09
N ALA A 306 2.22 4.64 5.08
CA ALA A 306 1.18 5.53 5.59
C ALA A 306 1.40 5.85 7.08
N ALA A 307 1.90 4.88 7.84
CA ALA A 307 2.22 5.09 9.26
C ALA A 307 3.28 6.15 9.40
N ALA A 308 4.33 6.02 8.61
CA ALA A 308 5.46 6.90 8.71
C ALA A 308 5.04 8.33 8.39
N ILE A 309 4.22 8.50 7.35
CA ILE A 309 3.71 9.80 6.98
C ILE A 309 2.82 10.37 8.08
N ASP A 310 1.84 9.58 8.53
CA ASP A 310 0.95 9.98 9.64
C ASP A 310 1.79 10.42 10.85
N ALA A 311 2.79 9.62 11.19
CA ALA A 311 3.63 9.92 12.36
C ALA A 311 4.41 11.24 12.16
N GLU A 312 4.94 11.43 10.97
CA GLU A 312 5.63 12.68 10.61
C GLU A 312 4.70 13.89 10.87
N ARG A 313 3.49 13.79 10.35
CA ARG A 313 2.51 14.88 10.48
C ARG A 313 2.17 15.14 11.92
N TRP A 314 2.00 14.08 12.67
CA TRP A 314 1.65 14.21 14.07
C TRP A 314 2.81 14.82 14.80
N LEU A 315 4.02 14.42 14.46
CA LEU A 315 5.20 14.97 15.11
C LEU A 315 5.35 16.45 14.78
N ALA A 316 5.15 16.77 13.51
CA ALA A 316 5.31 18.12 13.02
C ALA A 316 4.28 18.99 13.65
N GLU A 317 3.06 18.49 13.72
CA GLU A 317 1.98 19.21 14.40
C GLU A 317 2.35 19.43 15.85
N HIS A 318 3.01 18.42 16.41
CA HIS A 318 3.30 18.36 17.84
C HIS A 318 4.56 18.84 18.43
N ALA A 319 5.51 19.22 17.59
CA ALA A 319 6.62 20.06 18.04
C ALA A 319 6.30 21.48 17.67
N ALA A 320 5.45 21.64 16.66
CA ALA A 320 5.19 22.95 16.05
C ALA A 320 4.66 23.99 17.05
N THR A 321 3.95 23.52 18.07
CA THR A 321 3.63 24.36 19.23
C THR A 321 4.93 24.60 19.99
N GLY A 322 5.91 25.17 19.27
CA GLY A 322 7.30 25.30 19.74
C GLY A 322 8.24 25.69 18.57
N ARG B 15 -16.78 -10.19 -19.60
CA ARG B 15 -15.61 -10.28 -18.67
C ARG B 15 -15.95 -9.88 -17.25
N ASP B 16 -15.10 -10.30 -16.32
CA ASP B 16 -15.38 -10.14 -14.91
C ASP B 16 -15.05 -8.71 -14.51
N VAL B 17 -13.90 -8.21 -14.95
CA VAL B 17 -13.39 -6.89 -14.53
C VAL B 17 -12.75 -6.08 -15.65
N ILE B 18 -13.17 -4.83 -15.77
CA ILE B 18 -12.47 -3.84 -16.59
C ILE B 18 -11.79 -2.88 -15.63
N VAL B 19 -10.55 -2.52 -15.95
CA VAL B 19 -9.78 -1.59 -15.14
C VAL B 19 -9.62 -0.29 -15.93
N ILE B 20 -10.00 0.82 -15.33
CA ILE B 20 -9.79 2.12 -15.95
C ILE B 20 -8.57 2.82 -15.33
N GLY B 21 -7.49 2.90 -16.10
CA GLY B 21 -6.30 3.65 -15.69
C GLY B 21 -5.01 2.85 -15.59
N SER B 22 -3.93 3.42 -16.11
CA SER B 22 -2.60 2.91 -15.92
C SER B 22 -2.07 3.42 -14.58
N GLY B 23 -0.78 3.34 -14.34
CA GLY B 23 -0.23 3.69 -13.03
C GLY B 23 -0.24 2.56 -12.03
N PRO B 24 0.46 2.75 -10.93
CA PRO B 24 0.62 1.72 -9.91
C PRO B 24 -0.67 1.11 -9.40
N ALA B 25 -1.67 1.94 -9.16
CA ALA B 25 -2.97 1.44 -8.73
C ALA B 25 -3.59 0.56 -9.81
N GLY B 26 -3.68 1.11 -11.02
CA GLY B 26 -4.20 0.36 -12.14
C GLY B 26 -3.48 -0.95 -12.38
N TYR B 27 -2.16 -0.86 -12.54
CA TYR B 27 -1.34 -2.00 -12.89
C TYR B 27 -1.32 -3.08 -11.81
N THR B 28 -1.30 -2.69 -10.55
CA THR B 28 -1.30 -3.68 -9.48
C THR B 28 -2.64 -4.39 -9.43
N ALA B 29 -3.73 -3.63 -9.55
CA ALA B 29 -5.07 -4.21 -9.70
C ALA B 29 -5.12 -5.20 -10.85
N ALA B 30 -4.52 -4.84 -11.99
CA ALA B 30 -4.51 -5.68 -13.17
C ALA B 30 -3.69 -6.93 -12.89
N LEU B 31 -2.56 -6.72 -12.23
CA LEU B 31 -1.66 -7.80 -11.91
C LEU B 31 -2.39 -8.79 -11.04
N TYR B 32 -3.12 -8.31 -10.05
CA TYR B 32 -3.81 -9.20 -9.15
C TYR B 32 -4.97 -9.91 -9.82
N ALA B 33 -5.82 -9.14 -10.49
CA ALA B 33 -6.99 -9.66 -11.20
C ALA B 33 -6.55 -10.72 -12.18
N ALA B 34 -5.52 -10.43 -12.96
CA ALA B 34 -5.00 -11.40 -13.93
C ALA B 34 -4.62 -12.72 -13.26
N ARG B 35 -3.77 -12.65 -12.24
CA ARG B 35 -3.39 -13.83 -11.49
C ARG B 35 -4.58 -14.58 -10.89
N ALA B 36 -5.65 -13.85 -10.55
CA ALA B 36 -6.90 -14.48 -10.08
C ALA B 36 -7.76 -15.02 -11.22
N GLN B 37 -7.22 -15.06 -12.43
CA GLN B 37 -7.94 -15.54 -13.61
C GLN B 37 -9.26 -14.82 -13.83
N LEU B 38 -9.27 -13.52 -13.59
CA LEU B 38 -10.44 -12.70 -13.87
C LEU B 38 -10.33 -12.08 -15.27
N ALA B 39 -9.25 -12.38 -15.98
CA ALA B 39 -9.08 -11.91 -17.36
C ALA B 39 -9.35 -10.42 -17.50
N PRO B 40 -8.64 -9.59 -16.76
CA PRO B 40 -8.93 -8.16 -16.70
C PRO B 40 -8.62 -7.41 -17.99
N LEU B 41 -9.56 -6.60 -18.47
CA LEU B 41 -9.29 -5.68 -19.58
C LEU B 41 -8.93 -4.34 -18.97
N VAL B 42 -7.75 -3.84 -19.31
CA VAL B 42 -7.29 -2.57 -18.75
C VAL B 42 -7.14 -1.52 -19.82
N PHE B 43 -7.82 -0.39 -19.65
CA PHE B 43 -7.63 0.76 -20.53
C PHE B 43 -6.56 1.69 -19.95
N GLU B 44 -5.39 1.65 -20.56
CA GLU B 44 -4.20 2.35 -20.03
C GLU B 44 -4.27 3.85 -20.24
N GLY B 45 -5.04 4.24 -21.25
CA GLY B 45 -5.07 5.62 -21.71
C GLY B 45 -4.14 5.75 -22.89
N THR B 46 -4.49 6.66 -23.81
CA THR B 46 -3.63 6.98 -24.96
C THR B 46 -2.33 7.61 -24.51
N SER B 47 -2.34 8.19 -23.31
CA SER B 47 -1.18 8.77 -22.69
C SER B 47 -0.96 8.06 -21.37
N PHE B 48 -0.07 7.07 -21.38
CA PHE B 48 0.07 6.06 -20.29
C PHE B 48 0.50 6.57 -18.93
N GLY B 49 0.78 5.57 -18.09
CA GLY B 49 1.94 5.57 -17.17
C GLY B 49 1.73 5.90 -15.71
N GLY B 50 1.07 7.05 -15.46
CA GLY B 50 0.86 7.64 -14.12
C GLY B 50 1.72 8.89 -13.82
N ALA B 51 1.82 9.26 -12.54
CA ALA B 51 2.70 10.39 -12.14
C ALA B 51 4.18 10.06 -12.29
N LEU B 52 4.50 8.77 -12.32
CA LEU B 52 5.89 8.38 -12.33
C LEU B 52 6.60 8.50 -13.67
N MET B 53 5.88 8.72 -14.78
CA MET B 53 6.55 8.72 -16.09
C MET B 53 7.50 9.89 -16.25
N THR B 54 7.42 10.84 -15.33
CA THR B 54 8.33 11.98 -15.29
C THR B 54 9.43 11.80 -14.25
N THR B 55 9.17 11.02 -13.21
CA THR B 55 10.16 10.87 -12.14
C THR B 55 11.47 10.21 -12.57
N THR B 56 12.55 10.97 -12.49
CA THR B 56 13.86 10.50 -12.88
C THR B 56 14.37 9.36 -12.03
N ASP B 57 14.25 9.49 -10.72
CA ASP B 57 14.79 8.49 -9.80
C ASP B 57 13.86 8.28 -8.62
N VAL B 58 13.25 7.08 -8.58
CA VAL B 58 12.36 6.68 -7.51
C VAL B 58 13.16 5.96 -6.44
N GLU B 59 13.20 6.51 -5.23
CA GLU B 59 14.06 5.95 -4.15
C GLU B 59 13.30 5.39 -2.93
N ASN B 60 11.99 5.63 -2.84
CA ASN B 60 11.24 5.15 -1.68
C ASN B 60 10.13 4.20 -2.08
N TYR B 61 10.31 3.49 -3.19
CA TYR B 61 9.43 2.37 -3.52
C TYR B 61 10.11 1.16 -2.94
N PRO B 62 9.53 0.58 -1.88
CA PRO B 62 10.22 -0.49 -1.15
C PRO B 62 10.52 -1.66 -2.06
N GLY B 63 11.73 -2.19 -1.97
CA GLY B 63 12.17 -3.30 -2.82
C GLY B 63 13.38 -2.95 -3.70
N PHE B 64 13.54 -1.66 -3.97
CA PHE B 64 14.55 -1.21 -4.90
C PHE B 64 15.66 -0.44 -4.18
N ARG B 65 16.55 -1.21 -3.59
CA ARG B 65 17.67 -0.73 -2.79
C ARG B 65 18.48 0.38 -3.48
N ASN B 66 18.58 0.30 -4.80
CA ASN B 66 19.36 1.25 -5.60
C ASN B 66 18.49 2.27 -6.30
N GLY B 67 17.19 2.27 -5.99
CA GLY B 67 16.24 3.15 -6.67
C GLY B 67 16.05 2.77 -8.13
N ILE B 68 14.92 3.18 -8.71
CA ILE B 68 14.62 2.84 -10.10
C ILE B 68 14.03 4.07 -10.82
N THR B 69 14.28 4.18 -12.13
CA THR B 69 13.64 5.28 -12.87
C THR B 69 12.13 5.08 -12.89
N GLY B 70 11.38 6.16 -12.86
CA GLY B 70 9.94 6.05 -12.85
C GLY B 70 9.41 5.13 -13.94
N PRO B 71 9.70 5.45 -15.19
CA PRO B 71 9.29 4.64 -16.32
C PRO B 71 9.72 3.19 -16.23
N GLU B 72 10.95 2.95 -15.76
CA GLU B 72 11.42 1.58 -15.60
C GLU B 72 10.49 0.82 -14.70
N LEU B 73 10.19 1.41 -13.54
CA LEU B 73 9.30 0.81 -12.55
C LEU B 73 7.94 0.54 -13.15
N MET B 74 7.39 1.54 -13.84
CA MET B 74 6.12 1.40 -14.52
C MET B 74 6.12 0.25 -15.52
N ASP B 75 7.19 0.14 -16.31
CA ASP B 75 7.25 -0.88 -17.36
C ASP B 75 7.18 -2.27 -16.74
N GLU B 76 7.82 -2.41 -15.58
CA GLU B 76 7.91 -3.67 -14.90
C GLU B 76 6.55 -4.04 -14.38
N MET B 77 5.91 -3.09 -13.72
CA MET B 77 4.52 -3.23 -13.30
C MET B 77 3.63 -3.62 -14.50
N ARG B 78 3.80 -2.91 -15.62
CA ARG B 78 3.03 -3.20 -16.81
C ARG B 78 3.31 -4.60 -17.29
N GLU B 79 4.59 -4.94 -17.40
CA GLU B 79 4.97 -6.20 -18.00
C GLU B 79 4.63 -7.36 -17.10
N GLN B 80 4.63 -7.12 -15.79
CA GLN B 80 4.15 -8.08 -14.80
C GLN B 80 2.69 -8.38 -15.09
N ALA B 81 1.91 -7.31 -15.24
CA ALA B 81 0.49 -7.44 -15.52
C ALA B 81 0.23 -8.28 -16.77
N LEU B 82 0.98 -7.97 -17.83
CA LEU B 82 0.88 -8.73 -19.10
C LEU B 82 1.16 -10.19 -18.89
N ARG B 83 2.15 -10.51 -18.07
CA ARG B 83 2.61 -11.88 -17.93
C ARG B 83 1.55 -12.79 -17.36
N PHE B 84 0.69 -12.27 -16.49
CA PHE B 84 -0.35 -13.09 -15.86
C PHE B 84 -1.68 -13.00 -16.59
N GLY B 85 -1.66 -12.45 -17.81
CA GLY B 85 -2.79 -12.50 -18.71
C GLY B 85 -3.70 -11.29 -18.74
N ALA B 86 -3.18 -10.13 -18.36
CA ALA B 86 -3.94 -8.88 -18.49
C ALA B 86 -4.01 -8.49 -19.95
N ASP B 87 -5.16 -7.99 -20.41
CA ASP B 87 -5.28 -7.38 -21.73
C ASP B 87 -5.15 -5.89 -21.52
N LEU B 88 -3.99 -5.33 -21.88
CA LEU B 88 -3.78 -3.88 -21.79
C LEU B 88 -4.04 -3.20 -23.13
N ARG B 89 -4.76 -2.09 -23.06
CA ARG B 89 -5.16 -1.32 -24.23
C ARG B 89 -4.85 0.15 -24.04
N MET B 90 -3.99 0.70 -24.88
CA MET B 90 -3.61 2.11 -24.74
C MET B 90 -4.58 2.99 -25.49
N GLU B 91 -5.76 3.13 -24.92
CA GLU B 91 -6.79 4.00 -25.46
C GLU B 91 -7.61 4.57 -24.31
N ASP B 92 -8.40 5.60 -24.63
CA ASP B 92 -9.13 6.37 -23.62
C ASP B 92 -10.59 5.96 -23.55
N VAL B 93 -11.15 6.05 -22.35
CA VAL B 93 -12.56 5.80 -22.14
C VAL B 93 -13.25 7.16 -22.09
N GLU B 94 -14.27 7.34 -22.93
CA GLU B 94 -15.04 8.62 -22.98
C GLU B 94 -16.34 8.59 -22.15
N SER B 95 -16.98 7.43 -22.03
CA SER B 95 -18.16 7.30 -21.18
C SER B 95 -18.13 6.02 -20.35
N VAL B 96 -18.89 6.03 -19.28
CA VAL B 96 -18.90 4.92 -18.34
C VAL B 96 -20.25 4.78 -17.66
N SER B 97 -20.93 3.67 -17.94
CA SER B 97 -22.20 3.36 -17.31
C SER B 97 -21.96 2.29 -16.27
N LEU B 98 -22.22 2.63 -15.01
CA LEU B 98 -21.85 1.78 -13.89
C LEU B 98 -23.03 1.11 -13.18
N HIS B 99 -24.25 1.56 -13.45
CA HIS B 99 -25.41 1.05 -12.72
C HIS B 99 -25.83 -0.32 -13.26
N GLY B 100 -26.08 -1.24 -12.33
CA GLY B 100 -26.58 -2.58 -12.65
C GLY B 100 -25.47 -3.61 -12.69
N PRO B 101 -25.83 -4.86 -12.93
CA PRO B 101 -24.84 -5.88 -13.30
C PRO B 101 -24.53 -5.67 -14.77
N LEU B 102 -23.48 -6.29 -15.27
CA LEU B 102 -23.07 -6.02 -16.65
C LEU B 102 -22.84 -4.52 -16.87
N LYS B 103 -21.73 -4.02 -16.31
CA LYS B 103 -21.31 -2.62 -16.44
C LYS B 103 -20.77 -2.36 -17.83
N SER B 104 -20.59 -1.09 -18.16
CA SER B 104 -20.20 -0.71 -19.51
C SER B 104 -19.19 0.41 -19.55
N VAL B 105 -18.37 0.37 -20.59
CA VAL B 105 -17.33 1.36 -20.82
C VAL B 105 -17.24 1.65 -22.31
N VAL B 106 -17.09 2.93 -22.69
CA VAL B 106 -16.95 3.27 -24.10
C VAL B 106 -15.63 3.98 -24.40
N THR B 107 -14.93 3.48 -25.41
CA THR B 107 -13.61 4.01 -25.80
C THR B 107 -13.74 5.19 -26.75
N ALA B 108 -12.63 5.89 -26.96
CA ALA B 108 -12.59 7.07 -27.82
C ALA B 108 -13.00 6.76 -29.25
N ASP B 109 -12.91 5.50 -29.65
CA ASP B 109 -13.29 5.09 -31.00
C ASP B 109 -14.77 4.73 -31.14
N GLY B 110 -15.50 4.76 -30.03
CA GLY B 110 -16.96 4.57 -30.04
C GLY B 110 -17.42 3.16 -29.74
N GLN B 111 -16.46 2.26 -29.46
CA GLN B 111 -16.78 0.87 -29.20
C GLN B 111 -17.05 0.68 -27.72
N THR B 112 -18.04 -0.17 -27.42
CA THR B 112 -18.44 -0.47 -26.03
C THR B 112 -17.75 -1.72 -25.53
N HIS B 113 -17.27 -1.66 -24.30
CA HIS B 113 -16.66 -2.80 -23.64
C HIS B 113 -17.27 -2.94 -22.24
N ARG B 114 -17.76 -4.14 -21.95
CA ARG B 114 -18.58 -4.39 -20.76
C ARG B 114 -17.98 -5.41 -19.80
N ALA B 115 -18.32 -5.28 -18.52
CA ALA B 115 -17.85 -6.17 -17.47
C ALA B 115 -18.78 -6.20 -16.26
N ARG B 116 -18.58 -7.22 -15.44
CA ARG B 116 -19.33 -7.43 -14.20
C ARG B 116 -18.88 -6.44 -13.13
N ALA B 117 -17.57 -6.29 -12.99
CA ALA B 117 -17.00 -5.31 -12.06
C ALA B 117 -16.11 -4.32 -12.81
N VAL B 118 -15.91 -3.16 -12.21
CA VAL B 118 -15.02 -2.17 -12.78
C VAL B 118 -14.17 -1.59 -11.68
N ILE B 119 -12.90 -1.37 -12.01
CA ILE B 119 -11.92 -0.81 -11.07
C ILE B 119 -11.45 0.54 -11.56
N LEU B 120 -11.94 1.59 -10.91
CA LEU B 120 -11.57 2.96 -11.22
C LEU B 120 -10.20 3.24 -10.63
N ALA B 121 -9.23 3.52 -11.51
CA ALA B 121 -7.86 3.77 -11.09
C ALA B 121 -7.26 4.86 -11.95
N MET B 122 -8.03 5.92 -12.17
CA MET B 122 -7.59 6.97 -13.09
C MET B 122 -6.73 8.05 -12.41
N GLY B 123 -6.53 7.90 -11.11
CA GLY B 123 -5.54 8.74 -10.42
C GLY B 123 -5.89 10.21 -10.35
N ALA B 124 -4.87 11.06 -10.27
CA ALA B 124 -5.08 12.48 -9.96
C ALA B 124 -3.90 13.32 -10.41
N ALA B 125 -4.15 14.23 -11.34
CA ALA B 125 -3.11 15.05 -11.95
C ALA B 125 -2.73 16.20 -11.02
N ALA B 126 -1.45 16.41 -10.81
CA ALA B 126 -0.99 17.57 -10.06
C ALA B 126 -1.25 18.83 -10.86
N ARG B 127 -1.68 19.89 -10.18
CA ARG B 127 -1.93 21.21 -10.80
C ARG B 127 -0.62 21.94 -11.05
N TYR B 128 -0.37 22.30 -12.30
CA TYR B 128 0.88 22.97 -12.70
C TYR B 128 0.67 24.44 -13.08
N LEU B 129 1.76 25.20 -13.11
CA LEU B 129 1.72 26.62 -13.46
C LEU B 129 1.55 26.84 -14.96
N GLN B 130 2.04 25.90 -15.76
CA GLN B 130 2.05 26.05 -17.23
C GLN B 130 2.83 27.30 -17.69
N VAL B 131 3.99 27.55 -17.08
CA VAL B 131 4.88 28.66 -17.48
C VAL B 131 6.07 28.07 -18.24
N PRO B 132 6.38 28.63 -19.40
CA PRO B 132 7.30 28.01 -20.35
C PRO B 132 8.35 27.03 -19.80
N GLY B 133 9.18 27.47 -18.86
CA GLY B 133 10.30 26.64 -18.38
C GLY B 133 9.90 25.41 -17.59
N GLU B 134 8.73 25.45 -16.99
CA GLU B 134 8.31 24.51 -15.95
C GLU B 134 8.23 23.04 -16.39
N GLN B 135 7.40 22.77 -17.38
CA GLN B 135 7.18 21.39 -17.82
C GLN B 135 8.46 20.72 -18.32
N GLU B 136 9.37 21.53 -18.87
CA GLU B 136 10.66 21.05 -19.39
C GLU B 136 11.56 20.50 -18.27
N LEU B 137 11.61 21.21 -17.14
CA LEU B 137 12.44 20.81 -15.98
C LEU B 137 11.67 19.93 -14.96
N LEU B 138 10.61 19.28 -15.43
CA LEU B 138 9.78 18.46 -14.55
C LEU B 138 10.53 17.25 -14.04
N GLY B 139 10.91 17.32 -12.77
CA GLY B 139 11.64 16.23 -12.11
C GLY B 139 13.12 16.41 -12.26
N ARG B 140 13.55 17.60 -12.69
CA ARG B 140 14.96 17.99 -12.71
C ARG B 140 15.13 19.39 -12.11
N GLY B 141 14.34 19.69 -11.09
CA GLY B 141 14.29 21.00 -10.45
C GLY B 141 12.86 21.33 -9.98
N VAL B 142 11.90 21.10 -10.87
CA VAL B 142 10.49 21.36 -10.55
C VAL B 142 9.79 20.09 -10.13
N SER B 143 9.43 20.01 -8.85
CA SER B 143 8.67 18.89 -8.33
C SER B 143 7.29 19.36 -7.89
N SER B 144 6.38 18.41 -7.71
CA SER B 144 5.06 18.71 -7.22
C SER B 144 4.80 17.93 -5.94
N CYS B 145 5.85 17.37 -5.36
CA CYS B 145 5.73 16.44 -4.23
C CYS B 145 6.96 16.39 -3.32
N ALA B 146 6.84 17.01 -2.13
CA ALA B 146 7.98 17.17 -1.22
C ALA B 146 8.36 15.88 -0.52
N THR B 147 7.38 15.04 -0.22
CA THR B 147 7.67 13.74 0.37
C THR B 147 8.47 12.87 -0.59
N CYS B 148 8.38 13.18 -1.88
CA CYS B 148 9.10 12.41 -2.88
C CYS B 148 10.49 12.95 -3.07
N ASP B 149 10.57 14.22 -3.50
CA ASP B 149 11.81 14.79 -4.04
C ASP B 149 12.57 15.66 -3.04
N GLY B 150 12.01 15.81 -1.85
CA GLY B 150 12.54 16.73 -0.85
C GLY B 150 13.98 16.47 -0.53
N PHE B 151 14.29 15.20 -0.30
CA PHE B 151 15.64 14.68 -0.13
C PHE B 151 16.64 15.25 -1.13
N PHE B 152 16.23 15.25 -2.40
CA PHE B 152 17.11 15.62 -3.50
C PHE B 152 17.55 17.07 -3.43
N PHE B 153 17.00 17.86 -2.50
CA PHE B 153 17.29 19.31 -2.43
C PHE B 153 18.10 19.80 -1.19
N ARG B 154 18.79 18.86 -0.54
CA ARG B 154 19.70 19.14 0.58
C ARG B 154 20.44 20.45 0.42
N ASP B 155 20.30 21.33 1.41
CA ASP B 155 21.07 22.59 1.50
C ASP B 155 20.88 23.56 0.32
N GLN B 156 19.85 23.34 -0.49
CA GLN B 156 19.58 24.20 -1.63
C GLN B 156 18.60 25.33 -1.27
N ASP B 157 18.67 26.41 -2.06
CA ASP B 157 17.69 27.48 -2.01
C ASP B 157 16.53 27.08 -2.91
N ILE B 158 15.36 26.86 -2.33
CA ILE B 158 14.17 26.47 -3.12
C ILE B 158 12.96 27.37 -2.88
N ALA B 159 11.96 27.19 -3.75
CA ALA B 159 10.71 27.91 -3.65
C ALA B 159 9.56 26.92 -3.59
N VAL B 160 8.42 27.38 -3.06
CA VAL B 160 7.18 26.61 -3.04
C VAL B 160 6.08 27.54 -3.51
N ILE B 161 5.28 27.10 -4.47
CA ILE B 161 4.25 27.97 -5.08
C ILE B 161 2.83 27.60 -4.66
N GLY B 162 2.20 28.51 -3.93
CA GLY B 162 0.84 28.31 -3.43
C GLY B 162 0.58 29.07 -2.14
N GLY B 163 -0.69 29.34 -1.85
CA GLY B 163 -1.09 29.97 -0.60
C GLY B 163 -2.11 29.15 0.17
N GLY B 164 -2.04 27.83 0.04
CA GLY B 164 -2.99 26.94 0.71
C GLY B 164 -2.28 26.04 1.71
N ASP B 165 -3.05 25.18 2.36
CA ASP B 165 -2.53 24.31 3.42
C ASP B 165 -1.45 23.35 2.90
N SER B 166 -1.59 22.89 1.66
CA SER B 166 -0.55 22.05 1.06
C SER B 166 0.72 22.89 0.98
N ALA B 167 0.69 24.01 0.27
CA ALA B 167 1.88 24.87 0.16
C ALA B 167 2.55 25.06 1.51
N MET B 168 1.76 25.27 2.55
CA MET B 168 2.31 25.44 3.90
C MET B 168 2.98 24.16 4.38
N GLU B 169 2.23 23.06 4.35
CA GLU B 169 2.74 21.77 4.81
C GLU B 169 3.98 21.36 4.03
N GLU B 170 3.89 21.52 2.72
CA GLU B 170 4.96 21.19 1.81
C GLU B 170 6.20 21.99 2.19
N ALA B 171 6.08 23.31 2.18
CA ALA B 171 7.20 24.21 2.46
C ALA B 171 7.82 23.99 3.82
N THR B 172 6.95 23.78 4.81
CA THR B 172 7.42 23.58 6.17
C THR B 172 8.22 22.28 6.26
N PHE B 173 7.74 21.22 5.60
CA PHE B 173 8.45 19.94 5.55
C PHE B 173 9.84 20.08 4.93
N LEU B 174 9.93 20.85 3.86
CA LEU B 174 11.16 20.93 3.10
C LEU B 174 12.32 21.57 3.90
N THR B 175 12.01 22.43 4.87
CA THR B 175 13.05 23.09 5.71
C THR B 175 14.00 22.07 6.39
N ARG B 176 13.55 20.82 6.50
CA ARG B 176 14.40 19.70 6.91
C ARG B 176 15.60 19.49 5.99
N PHE B 177 15.47 19.89 4.73
CA PHE B 177 16.49 19.64 3.72
C PHE B 177 17.04 20.92 3.18
N ALA B 178 16.14 21.82 2.80
CA ALA B 178 16.57 23.11 2.21
C ALA B 178 17.04 24.06 3.30
N ARG B 179 17.89 24.99 2.93
CA ARG B 179 18.33 26.02 3.85
C ARG B 179 17.48 27.27 3.68
N SER B 180 16.98 27.46 2.47
CA SER B 180 15.94 28.45 2.18
C SER B 180 14.75 27.78 1.47
N VAL B 181 13.57 27.92 2.05
CA VAL B 181 12.31 27.65 1.35
C VAL B 181 11.58 28.97 1.22
N THR B 182 11.41 29.44 -0.02
CA THR B 182 10.80 30.74 -0.25
C THR B 182 9.42 30.60 -0.85
N LEU B 183 8.41 30.80 0.01
CA LEU B 183 7.01 30.57 -0.35
C LEU B 183 6.49 31.77 -1.12
N VAL B 184 6.24 31.56 -2.41
CA VAL B 184 5.76 32.63 -3.29
C VAL B 184 4.27 32.41 -3.52
N HIS B 185 3.51 33.51 -3.57
CA HIS B 185 2.06 33.45 -3.72
C HIS B 185 1.44 34.69 -4.39
N ARG B 186 0.47 34.42 -5.26
CA ARG B 186 -0.14 35.40 -6.13
C ARG B 186 -0.87 36.58 -5.42
N ARG B 187 -1.36 36.35 -4.20
CA ARG B 187 -2.17 37.37 -3.50
C ARG B 187 -1.58 37.84 -2.16
N ASP B 188 -2.22 38.85 -1.61
CA ASP B 188 -1.95 39.40 -0.29
C ASP B 188 -2.38 38.36 0.74
N GLU B 189 -3.62 37.92 0.59
CA GLU B 189 -4.31 37.01 1.50
C GLU B 189 -4.05 35.56 1.16
N PHE B 190 -3.93 34.71 2.19
CA PHE B 190 -3.61 33.31 1.99
C PHE B 190 -4.84 32.45 2.17
N ARG B 191 -5.14 31.65 1.15
CA ARG B 191 -6.26 30.71 1.19
C ARG B 191 -6.08 29.63 2.23
N ALA B 192 -4.92 29.62 2.89
CA ALA B 192 -4.56 28.57 3.84
C ALA B 192 -5.02 28.90 5.24
N SER B 193 -4.95 27.89 6.09
CA SER B 193 -5.36 27.96 7.49
C SER B 193 -4.47 28.88 8.31
N LYS B 194 -5.05 29.49 9.35
CA LYS B 194 -4.30 30.42 10.19
C LYS B 194 -3.49 29.71 11.29
N ILE B 195 -3.41 28.39 11.24
CA ILE B 195 -2.44 27.64 12.04
C ILE B 195 -1.31 27.14 11.17
N MET B 196 -1.63 26.67 9.97
CA MET B 196 -0.60 26.33 8.99
C MET B 196 0.25 27.55 8.64
N LEU B 197 -0.42 28.67 8.37
CA LEU B 197 0.25 29.97 8.18
C LEU B 197 1.11 30.27 9.39
N ASP B 198 0.47 30.24 10.56
CA ASP B 198 1.16 30.50 11.83
C ASP B 198 2.43 29.69 11.97
N ARG B 199 2.35 28.38 11.67
CA ARG B 199 3.53 27.49 11.73
C ARG B 199 4.55 27.81 10.64
N ALA B 200 4.06 28.23 9.48
CA ALA B 200 4.92 28.62 8.37
C ALA B 200 5.68 29.89 8.71
N ARG B 201 5.00 30.82 9.38
CA ARG B 201 5.64 32.07 9.77
C ARG B 201 6.71 31.89 10.84
N ASN B 202 6.51 30.95 11.77
CA ASN B 202 7.49 30.70 12.84
C ASN B 202 8.79 30.00 12.39
N ASN B 203 8.77 29.39 11.22
CA ASN B 203 9.92 28.64 10.71
C ASN B 203 11.00 29.58 10.19
N ASP B 204 12.19 29.50 10.76
CA ASP B 204 13.30 30.41 10.39
C ASP B 204 13.66 30.36 8.91
N LYS B 205 13.52 29.18 8.31
CA LYS B 205 13.91 28.95 6.92
C LYS B 205 12.83 29.33 5.91
N ILE B 206 11.65 29.74 6.41
CA ILE B 206 10.52 30.09 5.54
C ILE B 206 10.47 31.59 5.26
N ARG B 207 10.63 31.96 3.99
CA ARG B 207 10.50 33.37 3.57
C ARG B 207 9.30 33.52 2.63
N PHE B 208 8.47 34.52 2.88
CA PHE B 208 7.25 34.74 2.12
C PHE B 208 7.47 35.73 0.98
N LEU B 209 6.75 35.51 -0.11
CA LEU B 209 6.75 36.45 -1.24
C LEU B 209 5.31 36.67 -1.71
N THR B 210 4.64 37.64 -1.09
CA THR B 210 3.21 37.85 -1.35
C THR B 210 2.99 38.80 -2.53
N ASN B 211 1.81 38.70 -3.13
CA ASN B 211 1.42 39.51 -4.29
C ASN B 211 2.37 39.37 -5.48
N HIS B 212 2.82 38.15 -5.75
CA HIS B 212 3.76 37.89 -6.84
C HIS B 212 3.41 36.63 -7.62
N THR B 213 3.23 36.78 -8.93
CA THR B 213 2.98 35.62 -9.79
C THR B 213 4.28 35.16 -10.43
N VAL B 214 4.38 33.86 -10.69
CA VAL B 214 5.52 33.29 -11.39
C VAL B 214 5.26 33.41 -12.88
N VAL B 215 6.32 33.50 -13.67
CA VAL B 215 6.16 33.66 -15.12
C VAL B 215 7.10 32.77 -15.95
N ALA B 216 8.17 32.27 -15.33
CA ALA B 216 9.06 31.36 -16.02
C ALA B 216 9.93 30.61 -15.02
N VAL B 217 10.59 29.56 -15.53
CA VAL B 217 11.57 28.80 -14.76
C VAL B 217 12.87 28.70 -15.56
N ASP B 218 13.93 29.36 -15.08
CA ASP B 218 15.21 29.39 -15.79
C ASP B 218 16.06 28.14 -15.54
N GLY B 219 16.81 27.75 -16.57
CA GLY B 219 17.75 26.63 -16.49
C GLY B 219 17.55 25.61 -17.61
N ASP B 220 18.65 24.96 -18.01
CA ASP B 220 18.64 23.93 -19.06
C ASP B 220 18.64 22.50 -18.49
N THR B 221 19.65 22.18 -17.69
CA THR B 221 19.76 20.85 -17.06
C THR B 221 19.20 20.85 -15.64
N THR B 222 19.04 22.05 -15.09
CA THR B 222 18.70 22.23 -13.67
C THR B 222 17.98 23.58 -13.49
N VAL B 223 17.08 23.67 -12.50
CA VAL B 223 16.48 24.96 -12.19
C VAL B 223 17.58 25.90 -11.69
N THR B 224 17.74 27.04 -12.35
CA THR B 224 18.80 27.99 -11.99
C THR B 224 18.24 29.25 -11.34
N GLY B 225 17.00 29.58 -11.67
CA GLY B 225 16.30 30.72 -11.08
C GLY B 225 14.80 30.54 -11.25
N LEU B 226 14.03 31.38 -10.56
CA LEU B 226 12.58 31.40 -10.73
C LEU B 226 12.13 32.81 -11.07
N ARG B 227 11.75 33.01 -12.33
CA ARG B 227 11.27 34.31 -12.81
C ARG B 227 9.94 34.70 -12.19
N VAL B 228 9.99 35.65 -11.25
CA VAL B 228 8.79 36.16 -10.61
C VAL B 228 8.25 37.33 -11.42
N ARG B 229 6.99 37.67 -11.15
CA ARG B 229 6.23 38.61 -11.97
C ARG B 229 5.70 39.81 -11.17
N ASP B 230 4.54 40.29 -11.63
CA ASP B 230 3.83 41.42 -11.03
C ASP B 230 4.03 41.53 -9.52
N THR B 231 4.51 42.70 -9.09
CA THR B 231 4.62 43.01 -7.66
C THR B 231 3.44 43.94 -7.33
N ASN B 232 2.24 43.35 -7.31
CA ASN B 232 0.98 44.09 -7.14
C ASN B 232 0.81 45.17 -8.22
N THR B 233 1.63 46.22 -8.15
CA THR B 233 1.67 47.27 -9.19
C THR B 233 2.91 47.14 -10.10
N GLY B 234 4.06 46.82 -9.54
CA GLY B 234 5.30 46.75 -10.32
C GLY B 234 5.36 45.58 -11.27
N ALA B 235 6.56 45.11 -11.58
CA ALA B 235 6.74 43.93 -12.45
C ALA B 235 8.22 43.50 -12.59
N GLU B 236 8.41 42.18 -12.80
CA GLU B 236 9.72 41.53 -13.14
C GLU B 236 10.76 41.48 -12.00
N THR B 237 11.53 40.39 -11.95
CA THR B 237 12.51 40.08 -10.89
C THR B 237 12.92 38.59 -10.99
N THR B 238 13.99 38.19 -10.30
CA THR B 238 14.45 36.77 -10.37
C THR B 238 14.93 36.21 -9.03
N LEU B 239 14.15 35.30 -8.46
CA LEU B 239 14.58 34.58 -7.26
C LEU B 239 15.62 33.52 -7.66
N PRO B 240 16.84 33.65 -7.16
CA PRO B 240 17.92 32.73 -7.54
C PRO B 240 17.73 31.39 -6.84
N VAL B 241 16.79 30.60 -7.33
CA VAL B 241 16.44 29.32 -6.74
C VAL B 241 16.97 28.20 -7.63
N THR B 242 17.28 27.06 -7.01
CA THR B 242 17.76 25.89 -7.71
C THR B 242 16.77 24.72 -7.61
N GLY B 243 15.51 25.03 -7.32
CA GLY B 243 14.47 24.01 -7.18
C GLY B 243 13.09 24.58 -6.83
N VAL B 244 12.08 24.24 -7.63
CA VAL B 244 10.74 24.81 -7.46
C VAL B 244 9.66 23.77 -7.21
N PHE B 245 9.12 23.75 -6.00
CA PHE B 245 8.01 22.88 -5.63
C PHE B 245 6.64 23.54 -5.83
N VAL B 246 5.86 23.02 -6.78
CA VAL B 246 4.50 23.49 -7.02
C VAL B 246 3.51 22.84 -6.03
N ALA B 247 2.65 23.64 -5.39
CA ALA B 247 1.70 23.16 -4.35
C ALA B 247 0.29 23.68 -4.59
N ILE B 248 -0.09 23.74 -5.86
CA ILE B 248 -1.37 24.33 -6.29
C ILE B 248 -2.56 23.39 -6.08
N GLY B 249 -2.27 22.14 -5.68
CA GLY B 249 -3.31 21.15 -5.44
C GLY B 249 -3.24 20.06 -6.48
N HIS B 250 -4.23 19.18 -6.48
CA HIS B 250 -4.31 18.11 -7.46
C HIS B 250 -5.72 18.05 -8.00
N GLU B 251 -5.85 17.53 -9.21
CA GLU B 251 -7.15 17.36 -9.86
C GLU B 251 -7.41 15.89 -10.18
N PRO B 252 -8.24 15.23 -9.36
CA PRO B 252 -8.50 13.80 -9.51
C PRO B 252 -9.42 13.56 -10.69
N ARG B 253 -9.14 12.52 -11.46
CA ARG B 253 -9.86 12.35 -12.74
C ARG B 253 -11.14 11.53 -12.55
N SER B 254 -12.13 12.20 -12.00
CA SER B 254 -13.40 11.59 -11.64
C SER B 254 -14.54 12.00 -12.57
N GLY B 255 -14.19 12.74 -13.62
CA GLY B 255 -15.19 13.30 -14.54
C GLY B 255 -16.08 12.25 -15.20
N LEU B 256 -15.54 11.07 -15.46
CA LEU B 256 -16.33 10.00 -16.04
C LEU B 256 -17.34 9.45 -15.05
N VAL B 257 -17.02 9.57 -13.77
CA VAL B 257 -17.70 8.83 -12.71
C VAL B 257 -18.43 9.75 -11.71
N ARG B 258 -18.29 11.05 -11.90
CA ARG B 258 -18.66 12.05 -10.92
C ARG B 258 -20.15 12.40 -10.93
N GLU B 259 -20.98 11.63 -11.64
CA GLU B 259 -22.44 11.77 -11.52
C GLU B 259 -23.09 10.53 -10.94
N ALA B 260 -22.36 9.43 -10.97
CA ALA B 260 -22.88 8.11 -10.62
C ALA B 260 -22.47 7.71 -9.23
N ILE B 261 -21.27 8.14 -8.83
CA ILE B 261 -20.62 7.66 -7.62
C ILE B 261 -20.29 8.83 -6.74
N ASP B 262 -20.27 8.60 -5.44
CA ASP B 262 -20.01 9.67 -4.49
C ASP B 262 -18.55 10.09 -4.48
N VAL B 263 -18.38 11.40 -4.52
CA VAL B 263 -17.09 12.05 -4.57
C VAL B 263 -17.11 13.10 -3.50
N ASP B 264 -15.94 13.50 -3.00
CA ASP B 264 -15.87 14.64 -2.10
C ASP B 264 -16.00 15.93 -2.94
N PRO B 265 -16.08 17.09 -2.30
CA PRO B 265 -16.27 18.36 -3.02
C PRO B 265 -15.22 18.64 -4.08
N ASP B 266 -13.96 18.30 -3.78
CA ASP B 266 -12.85 18.50 -4.73
C ASP B 266 -12.81 17.48 -5.86
N GLY B 267 -13.67 16.46 -5.78
CA GLY B 267 -13.85 15.50 -6.85
C GLY B 267 -13.27 14.12 -6.61
N TYR B 268 -12.72 13.87 -5.42
CA TYR B 268 -12.11 12.57 -5.13
C TYR B 268 -13.17 11.57 -4.79
N VAL B 269 -13.03 10.37 -5.34
CA VAL B 269 -13.99 9.29 -5.13
C VAL B 269 -13.95 8.86 -3.68
N LEU B 270 -15.11 8.83 -3.05
CA LEU B 270 -15.23 8.32 -1.69
C LEU B 270 -15.38 6.81 -1.80
N VAL B 271 -14.74 6.10 -0.88
CA VAL B 271 -14.82 4.64 -0.83
C VAL B 271 -15.36 4.23 0.55
N GLN B 272 -16.08 3.13 0.58
CA GLN B 272 -16.82 2.68 1.77
C GLN B 272 -15.87 2.16 2.87
N GLY B 273 -15.93 2.78 4.04
CA GLY B 273 -15.16 2.34 5.19
C GLY B 273 -13.68 2.27 4.87
N ARG B 274 -13.05 1.17 5.27
CA ARG B 274 -11.63 0.95 5.00
C ARG B 274 -11.40 0.05 3.77
N THR B 275 -12.30 0.12 2.79
CA THR B 275 -12.26 -0.78 1.65
C THR B 275 -12.11 0.05 0.38
N THR B 276 -12.16 -0.62 -0.77
CA THR B 276 -12.12 0.04 -2.08
C THR B 276 -13.50 0.22 -2.74
N SER B 277 -14.58 -0.27 -2.11
CA SER B 277 -15.87 -0.25 -2.79
C SER B 277 -16.46 1.15 -2.78
N THR B 278 -16.80 1.65 -3.97
CA THR B 278 -17.43 2.96 -4.11
C THR B 278 -18.86 2.86 -3.60
N SER B 279 -19.73 3.79 -3.99
CA SER B 279 -21.13 3.76 -3.55
C SER B 279 -22.02 3.00 -4.51
N LEU B 280 -21.43 2.29 -5.46
CA LEU B 280 -22.19 1.47 -6.41
C LEU B 280 -21.65 0.04 -6.37
N PRO B 281 -22.54 -0.92 -6.17
CA PRO B 281 -22.14 -2.31 -6.08
C PRO B 281 -21.41 -2.76 -7.32
N GLY B 282 -20.27 -3.41 -7.12
CA GLY B 282 -19.44 -3.87 -8.22
C GLY B 282 -18.48 -2.84 -8.82
N VAL B 283 -18.48 -1.62 -8.28
CA VAL B 283 -17.58 -0.57 -8.76
C VAL B 283 -16.59 -0.23 -7.66
N PHE B 284 -15.29 -0.23 -7.99
CA PHE B 284 -14.23 -0.08 -6.99
C PHE B 284 -13.23 1.01 -7.35
N ALA B 285 -12.63 1.64 -6.34
CA ALA B 285 -11.77 2.79 -6.58
C ALA B 285 -10.41 2.64 -5.89
N ALA B 286 -9.31 2.74 -6.64
CA ALA B 286 -7.98 2.72 -6.05
C ALA B 286 -7.09 3.87 -6.51
N GLY B 287 -5.93 3.96 -5.88
CA GLY B 287 -4.95 4.96 -6.25
C GLY B 287 -5.36 6.34 -5.83
N ASP B 288 -4.69 7.31 -6.43
CA ASP B 288 -4.84 8.72 -6.08
C ASP B 288 -6.18 9.32 -6.48
N LEU B 289 -6.95 8.60 -7.30
CA LEU B 289 -8.35 8.97 -7.55
C LEU B 289 -9.10 9.07 -6.23
N VAL B 290 -8.66 8.30 -5.24
CA VAL B 290 -9.31 8.30 -3.94
C VAL B 290 -8.39 8.96 -2.92
N ASP B 291 -7.12 8.56 -2.89
CA ASP B 291 -6.20 9.08 -1.88
C ASP B 291 -5.77 10.52 -2.12
N ARG B 292 -6.10 11.36 -1.14
CA ARG B 292 -5.64 12.75 -1.17
C ARG B 292 -4.72 13.11 0.01
N THR B 293 -4.14 12.11 0.67
CA THR B 293 -3.31 12.41 1.83
C THR B 293 -1.89 11.86 1.72
N TYR B 294 -1.69 10.66 1.19
CA TYR B 294 -0.32 10.23 0.79
C TYR B 294 -0.31 9.84 -0.67
N ARG B 295 0.41 10.56 -1.52
CA ARG B 295 0.36 10.21 -2.92
C ARG B 295 1.62 9.50 -3.27
N GLN B 296 1.78 8.30 -2.74
CA GLN B 296 2.90 7.45 -3.03
C GLN B 296 2.51 6.27 -3.94
N ALA B 297 3.51 5.66 -4.57
CA ALA B 297 3.31 4.57 -5.53
C ALA B 297 3.01 3.33 -4.75
N VAL B 298 3.69 3.18 -3.63
CA VAL B 298 3.45 2.05 -2.75
C VAL B 298 2.01 2.07 -2.30
N THR B 299 1.55 3.27 -1.99
CA THR B 299 0.21 3.52 -1.52
C THR B 299 -0.75 3.15 -2.61
N ALA B 300 -0.48 3.66 -3.82
CA ALA B 300 -1.37 3.42 -4.96
C ALA B 300 -1.37 1.92 -5.31
N ALA B 301 -0.18 1.32 -5.33
CA ALA B 301 -0.03 -0.10 -5.62
C ALA B 301 -0.84 -0.91 -4.62
N GLY B 302 -0.78 -0.49 -3.37
CA GLY B 302 -1.48 -1.20 -2.32
C GLY B 302 -2.98 -1.18 -2.59
N SER B 303 -3.50 0.01 -2.81
CA SER B 303 -4.94 0.18 -3.02
C SER B 303 -5.38 -0.51 -4.31
N GLY B 304 -4.54 -0.43 -5.34
CA GLY B 304 -4.74 -1.20 -6.54
C GLY B 304 -5.01 -2.64 -6.20
N CYS B 305 -4.08 -3.23 -5.46
CA CYS B 305 -4.21 -4.65 -5.09
C CYS B 305 -5.49 -4.90 -4.29
N ALA B 306 -5.78 -3.99 -3.37
CA ALA B 306 -6.98 -4.10 -2.53
C ALA B 306 -8.28 -4.06 -3.34
N ALA B 307 -8.28 -3.27 -4.41
CA ALA B 307 -9.41 -3.21 -5.34
C ALA B 307 -9.62 -4.56 -6.03
N ALA B 308 -8.53 -5.16 -6.50
CA ALA B 308 -8.63 -6.45 -7.18
C ALA B 308 -9.25 -7.46 -6.24
N ILE B 309 -8.73 -7.52 -5.02
CA ILE B 309 -9.20 -8.51 -4.05
C ILE B 309 -10.67 -8.28 -3.68
N ASP B 310 -11.00 -7.03 -3.37
CA ASP B 310 -12.40 -6.65 -3.11
C ASP B 310 -13.31 -7.09 -4.27
N ALA B 311 -12.87 -6.84 -5.50
CA ALA B 311 -13.68 -7.18 -6.66
C ALA B 311 -13.82 -8.71 -6.83
N GLU B 312 -12.74 -9.43 -6.60
CA GLU B 312 -12.80 -10.91 -6.68
C GLU B 312 -13.82 -11.44 -5.67
N ARG B 313 -13.76 -10.95 -4.42
CA ARG B 313 -14.64 -11.42 -3.36
C ARG B 313 -16.09 -11.06 -3.65
N TRP B 314 -16.29 -9.88 -4.21
CA TRP B 314 -17.61 -9.43 -4.60
C TRP B 314 -18.14 -10.25 -5.77
N LEU B 315 -17.26 -10.56 -6.71
CA LEU B 315 -17.61 -11.40 -7.84
C LEU B 315 -17.92 -12.83 -7.36
N ALA B 316 -17.09 -13.37 -6.48
CA ALA B 316 -17.29 -14.73 -5.97
C ALA B 316 -18.58 -14.80 -5.14
N GLU B 317 -18.84 -13.77 -4.34
CA GLU B 317 -20.08 -13.68 -3.54
C GLU B 317 -21.26 -13.64 -4.47
N HIS B 318 -21.05 -13.07 -5.64
CA HIS B 318 -21.85 -13.37 -6.82
C HIS B 318 -22.72 -12.37 -7.44
MG MG C . -7.47 -15.51 7.94
PA FAD D . 5.12 -9.47 9.23
O1A FAD D . 5.44 -9.82 7.82
O2A FAD D . 4.74 -10.53 10.19
O5B FAD D . 6.42 -8.86 9.86
C5B FAD D . 6.23 -8.25 11.11
C4B FAD D . 7.21 -8.78 12.13
O4B FAD D . 7.47 -8.09 13.26
C3B FAD D . 8.00 -10.09 12.07
O3B FAD D . 9.12 -9.94 11.18
C2B FAD D . 8.45 -10.24 13.54
O2B FAD D . 9.78 -10.75 13.62
C1B FAD D . 8.43 -8.81 14.08
N9A FAD D . 7.93 -8.60 15.48
C8A FAD D . 6.69 -8.75 15.95
N7A FAD D . 6.67 -8.45 17.25
C5A FAD D . 7.89 -8.09 17.61
C6A FAD D . 8.47 -7.69 18.80
N6A FAD D . 7.76 -7.58 19.92
N1A FAD D . 9.82 -7.41 18.81
C2A FAD D . 10.57 -7.51 17.65
N3A FAD D . 10.00 -7.88 16.52
C4A FAD D . 8.70 -8.18 16.48
N1 FAD D . 2.35 -10.49 -0.60
C2 FAD D . 2.47 -9.76 -1.83
O2 FAD D . 2.34 -8.54 -1.90
N3 FAD D . 2.76 -10.47 -2.98
C4 FAD D . 2.92 -11.85 -2.91
O4 FAD D . 3.18 -12.44 -3.96
C4X FAD D . 2.79 -12.55 -1.71
N5 FAD D . 2.98 -13.94 -1.67
C5X FAD D . 3.12 -14.59 -0.45
C6 FAD D . 3.52 -15.92 -0.42
C7 FAD D . 3.65 -16.62 0.79
C7M FAD D . 4.11 -18.09 0.74
C8 FAD D . 3.37 -15.96 2.00
C8M FAD D . 3.48 -16.65 3.38
C9 FAD D . 2.95 -14.63 1.97
C9A FAD D . 2.82 -13.94 0.75
N10 FAD D . 2.40 -12.59 0.73
C10 FAD D . 2.50 -11.87 -0.52
C1' FAD D . 1.87 -11.98 2.04
C2' FAD D . 2.91 -11.28 2.97
O2' FAD D . 3.89 -12.22 3.44
C3' FAD D . 2.33 -10.59 4.24
O3' FAD D . 1.19 -9.78 3.93
C4' FAD D . 3.40 -9.70 4.92
O4' FAD D . 4.44 -10.53 5.45
C5' FAD D . 2.87 -8.77 6.05
O5' FAD D . 3.94 -8.05 6.72
P FAD D . 3.76 -7.21 8.09
O1P FAD D . 4.84 -6.21 8.18
O2P FAD D . 2.35 -6.80 8.14
O3P FAD D . 4.05 -8.22 9.29
PA NAP E . -12.14 -20.01 12.32
O1A NAP E . -13.03 -19.28 13.24
O2A NAP E . -10.72 -19.67 12.59
O5B NAP E . -12.38 -21.60 12.45
C5B NAP E . -11.32 -22.46 12.82
C4B NAP E . -11.78 -23.91 12.84
O4B NAP E . -10.99 -24.72 11.97
C3B NAP E . -11.64 -24.57 14.20
O3B NAP E . -12.67 -24.32 15.13
C2B NAP E . -11.60 -26.03 13.81
O2B NAP E . -12.91 -26.52 13.64
C1B NAP E . -10.84 -26.03 12.51
N9A NAP E . -9.45 -26.35 12.92
C8A NAP E . -8.59 -25.53 13.60
N7A NAP E . -7.44 -26.22 13.82
C5A NAP E . -7.57 -27.45 13.30
C6A NAP E . -6.69 -28.52 13.25
N6A NAP E . -5.47 -28.40 13.75
N1A NAP E . -7.09 -29.70 12.63
C2A NAP E . -8.35 -29.79 12.08
N3A NAP E . -9.22 -28.71 12.14
C4A NAP E . -8.83 -27.56 12.74
O3 NAP E . -12.54 -19.65 10.79
PN NAP E . -11.93 -18.38 10.00
O1N NAP E . -10.46 -18.56 9.94
O2N NAP E . -12.71 -18.17 8.76
O5D NAP E . -12.23 -17.13 10.98
C5D NAP E . -12.08 -15.81 10.52
C4D NAP E . -10.58 -15.54 10.30
O4D NAP E . -10.34 -15.37 8.91
C3D NAP E . -10.08 -14.32 11.03
O3D NAP E . -9.08 -14.69 11.97
C2D NAP E . -9.51 -13.41 9.96
O2D NAP E . -8.15 -13.26 10.23
C1D NAP E . -9.71 -14.14 8.64
N1N NAP E . -10.48 -13.43 7.61
C2N NAP E . -11.73 -12.94 7.89
C3N NAP E . -12.47 -12.28 6.89
C7N NAP E . -13.96 -12.43 6.96
O7N NAP E . -14.53 -13.72 6.92
N7N NAP E . -14.71 -11.34 7.06
C4N NAP E . -11.91 -12.15 5.62
C5N NAP E . -10.65 -12.68 5.34
C6N NAP E . -9.95 -13.32 6.36
P2B NAP E . -13.68 -27.12 14.90
O1X NAP E . -15.14 -27.03 14.59
O2X NAP E . -13.36 -26.35 16.15
O3X NAP E . -13.27 -28.57 15.07
MG MG F . -2.76 18.41 -2.58
PA FAD G . -1.72 8.18 -11.56
O1A FAD G . -0.27 7.86 -11.55
O2A FAD G . -2.20 9.39 -10.83
O5B FAD G . -2.14 8.29 -13.14
C5B FAD G . -2.09 7.10 -13.95
C4B FAD G . -2.81 7.27 -15.28
O4B FAD G . -3.94 6.54 -15.61
C3B FAD G . -2.39 8.25 -16.39
O3B FAD G . -1.04 8.03 -16.85
C2B FAD G . -3.45 8.01 -17.49
O2B FAD G . -2.86 7.57 -18.73
C1B FAD G . -4.41 6.90 -16.95
N9A FAD G . -5.89 7.31 -17.10
C8A FAD G . -6.50 8.32 -16.47
N7A FAD G . -7.78 8.38 -16.87
C5A FAD G . -7.98 7.40 -17.75
C6A FAD G . -9.10 7.00 -18.48
N6A FAD G . -10.25 7.64 -18.34
N1A FAD G . -8.98 5.90 -19.34
C2A FAD G . -7.74 5.25 -19.44
N3A FAD G . -6.71 5.66 -18.73
C4A FAD G . -6.78 6.72 -17.90
N1 FAD G . 5.72 7.66 -5.06
C2 FAD G . 6.57 6.79 -4.30
O2 FAD G . 6.14 5.81 -3.66
N3 FAD G . 7.93 7.06 -4.26
C4 FAD G . 8.47 8.16 -4.97
O4 FAD G . 9.68 8.39 -4.95
C4X FAD G . 7.63 8.99 -5.72
N5 FAD G . 8.20 10.07 -6.42
C5X FAD G . 7.41 10.86 -7.27
C6 FAD G . 8.03 11.87 -8.03
C7 FAD G . 7.28 12.70 -8.88
C7M FAD G . 7.99 13.78 -9.71
C8 FAD G . 5.90 12.52 -8.96
C8M FAD G . 5.09 13.43 -9.91
C9 FAD G . 5.28 11.52 -8.20
C9A FAD G . 6.03 10.67 -7.35
N10 FAD G . 5.42 9.65 -6.55
C10 FAD G . 6.25 8.76 -5.77
C1' FAD G . 3.93 9.56 -6.49
C2' FAD G . 3.37 8.49 -7.41
O2' FAD G . 3.85 8.76 -8.72
C3' FAD G . 1.81 8.44 -7.44
O3' FAD G . 1.24 8.02 -6.17
C4' FAD G . 1.30 7.52 -8.59
O4' FAD G . 1.75 7.98 -9.89
C5' FAD G . -0.23 7.40 -8.56
O5' FAD G . -0.70 6.42 -9.50
P FAD G . -2.24 6.14 -9.69
O1P FAD G . -2.47 4.71 -9.95
O2P FAD G . -2.91 6.82 -8.58
O3P FAD G . -2.58 6.90 -11.05
PA NAP H . -6.22 23.91 -3.32
O1A NAP H . -7.42 23.39 -2.62
O2A NAP H . -5.67 22.86 -4.21
O5B NAP H . -6.63 25.22 -4.17
C5B NAP H . -5.80 25.76 -5.17
C4B NAP H . -5.61 27.24 -4.90
O4B NAP H . -4.26 27.62 -5.03
C3B NAP H . -6.36 28.16 -5.84
O3B NAP H . -7.72 28.29 -5.49
C2B NAP H . -5.60 29.47 -5.71
O2B NAP H . -6.31 30.35 -4.87
C1B NAP H . -4.25 29.03 -5.11
N9A NAP H . -3.04 29.49 -5.83
C8A NAP H . -1.86 29.63 -5.17
N7A NAP H . -0.92 30.07 -6.02
C5A NAP H . -1.49 30.20 -7.24
C6A NAP H . -0.96 30.60 -8.43
N6A NAP H . 0.36 30.78 -8.52
N1A NAP H . -1.77 30.66 -9.54
C2A NAP H . -3.09 30.30 -9.44
N3A NAP H . -3.62 29.89 -8.23
C4A NAP H . -2.82 29.84 -7.13
O3 NAP H . -5.12 24.40 -2.25
PN NAP H . -4.31 23.32 -1.37
O1N NAP H . -3.33 22.64 -2.25
O2N NAP H . -3.83 23.91 -0.10
O5D NAP H . -5.46 22.27 -1.01
C5D NAP H . -5.12 20.98 -0.59
C4D NAP H . -4.98 20.08 -1.81
O4D NAP H . -3.87 19.21 -1.66
C3D NAP H . -6.18 19.17 -1.93
O3D NAP H . -6.41 18.81 -3.28
C2D NAP H . -5.79 17.99 -1.06
O2D NAP H . -6.29 16.80 -1.60
C1D NAP H . -4.28 17.95 -1.13
N1N NAP H . -3.58 17.70 0.14
C2N NAP H . -3.71 18.60 1.16
C3N NAP H . -3.05 18.40 2.37
C7N NAP H . -3.61 19.14 3.53
O7N NAP H . -2.80 20.05 4.22
N7N NAP H . -4.89 18.90 3.85
C4N NAP H . -2.27 17.26 2.54
C5N NAP H . -2.13 16.34 1.50
C6N NAP H . -2.80 16.58 0.30
P2B NAP H . -5.63 31.67 -4.25
O1X NAP H . -6.69 32.71 -4.01
O2X NAP H . -4.60 32.22 -5.22
O3X NAP H . -4.98 31.32 -2.92
#